data_9BKE
#
_entry.id   9BKE
#
_cell.length_a   100.233
_cell.length_b   100.233
_cell.length_c   335.996
_cell.angle_alpha   90.00
_cell.angle_beta   90.00
_cell.angle_gamma   90.00
#
_symmetry.space_group_name_H-M   'P 43 2 2'
#
loop_
_entity.id
_entity.type
_entity.pdbx_description
1 polymer '4-hydroxyphenylacetate 3-monooxygenase oxygenase component'
2 non-polymer 'ADENOSINE MONOPHOSPHATE'
3 water water
#
_entity_poly.entity_id   1
_entity_poly.type   'polypeptide(L)'
_entity_poly.pdbx_seq_one_letter_code
;MHHHHHHHKPEDFRASTQRPFTGEEYLKSLQDGREIYIYGERVKDVTTHPAFRNAAASVAQLYDALHKPEMQDSLCWNTD
TGSGGYTHKFFRVAKSADDLRQQRDAIAEWSRLSYGWMGRTPDYKAAFGCALGANPGFYGQFEQNARNWYTRIQETGLYF
NHAIVNPPIDRHLPTDKVKDVYIKLEKETDAGIIVSGAKVVATNSALTHYNMIGSGSDLGSGSDPDFALMFVAPMDADGV
KLISRASYEMVAGATGSPYDYPLSSRFDENDAILVMDNVLIPWENVLIYRDFDRCRRWTMEGGFARMYPLQACVRLAVKL
DFITALLKKSLECTGTLEFRGVQADLGEVVAWRNTFWALSDSMCSEATPWVNGAYLPDHAALQTYRVLAPMAYAKIKNII
ERNVTSGLIYLPSSARDLNNPQIDQYLAKYVRGSNGMDHVQRIKILKLMWDAIGSEFGGRHELYEINYSGSQDEIRLQCL
RQAQNSGNMDKMMAMVDRCLSEYDQDGWTVPHLHNNDDINMLDKLLK
;
_entity_poly.pdbx_strand_id   A,B
#
# COMPACT_ATOMS: atom_id res chain seq x y z
N HIS A 8 -26.15 -39.58 -0.84
CA HIS A 8 -25.14 -38.52 -0.60
C HIS A 8 -25.65 -37.15 -1.11
N LYS A 9 -24.78 -36.44 -1.89
CA LYS A 9 -24.85 -35.06 -2.35
C LYS A 9 -25.15 -34.10 -1.19
N PRO A 10 -24.13 -33.43 -0.67
CA PRO A 10 -24.38 -32.49 0.45
C PRO A 10 -25.36 -31.38 0.09
N GLU A 11 -25.33 -30.88 -1.16
CA GLU A 11 -26.30 -29.85 -1.52
C GLU A 11 -27.74 -30.38 -1.49
N ASP A 12 -27.92 -31.71 -1.56
CA ASP A 12 -29.27 -32.24 -1.48
C ASP A 12 -29.90 -32.00 -0.12
N PHE A 13 -29.13 -31.49 0.86
CA PHE A 13 -29.76 -31.10 2.11
C PHE A 13 -30.54 -29.82 1.99
N ARG A 14 -30.39 -29.09 0.88
CA ARG A 14 -31.16 -27.86 0.71
C ARG A 14 -32.63 -28.19 0.42
N ALA A 15 -33.53 -27.40 1.02
CA ALA A 15 -34.93 -27.35 0.64
C ALA A 15 -35.18 -26.64 -0.70
N SER A 16 -34.14 -26.19 -1.40
CA SER A 16 -34.30 -25.47 -2.65
C SER A 16 -32.99 -25.50 -3.44
N THR A 17 -33.10 -25.68 -4.74
CA THR A 17 -31.92 -25.71 -5.60
C THR A 17 -31.59 -24.34 -6.18
N GLN A 18 -32.38 -23.32 -5.84
CA GLN A 18 -32.21 -21.97 -6.35
C GLN A 18 -31.57 -21.03 -5.33
N ARG A 19 -30.89 -21.58 -4.33
CA ARG A 19 -30.15 -20.80 -3.36
C ARG A 19 -29.13 -21.71 -2.70
N PRO A 20 -28.07 -21.15 -2.13
CA PRO A 20 -27.10 -21.97 -1.40
C PRO A 20 -27.73 -22.39 -0.10
N PHE A 21 -27.00 -23.24 0.62
CA PHE A 21 -27.36 -23.68 1.96
C PHE A 21 -27.86 -22.56 2.86
N THR A 22 -28.82 -22.87 3.72
CA THR A 22 -28.98 -22.11 4.94
C THR A 22 -27.97 -22.64 5.98
N GLY A 23 -27.85 -21.97 7.10
CA GLY A 23 -26.96 -22.47 8.15
C GLY A 23 -27.37 -23.85 8.61
N GLU A 24 -28.66 -24.02 8.93
CA GLU A 24 -29.18 -25.31 9.37
C GLU A 24 -28.89 -26.41 8.34
N GLU A 25 -29.09 -26.10 7.06
CA GLU A 25 -28.83 -27.11 6.04
C GLU A 25 -27.36 -27.45 5.95
N TYR A 26 -26.48 -26.44 6.04
CA TYR A 26 -25.05 -26.72 6.05
C TYR A 26 -24.67 -27.66 7.18
N LEU A 27 -25.14 -27.35 8.38
CA LEU A 27 -24.78 -28.16 9.53
C LEU A 27 -25.24 -29.60 9.32
N LYS A 28 -26.48 -29.81 8.87
CA LYS A 28 -26.94 -31.16 8.54
C LYS A 28 -26.03 -31.81 7.53
N SER A 29 -25.59 -31.06 6.53
CA SER A 29 -24.79 -31.67 5.49
C SER A 29 -23.48 -32.18 6.02
N LEU A 30 -23.08 -31.70 7.21
CA LEU A 30 -21.80 -32.16 7.76
C LEU A 30 -21.89 -33.47 8.53
N GLN A 31 -23.10 -33.94 8.86
CA GLN A 31 -23.32 -35.16 9.66
C GLN A 31 -23.25 -36.38 8.74
N ASP A 32 -22.04 -36.72 8.31
CA ASP A 32 -21.86 -37.68 7.24
C ASP A 32 -20.78 -38.70 7.52
N GLY A 33 -20.41 -38.88 8.79
CA GLY A 33 -19.38 -39.88 9.08
C GLY A 33 -18.04 -39.68 8.39
N ARG A 34 -17.69 -38.44 8.06
CA ARG A 34 -16.30 -38.10 7.80
C ARG A 34 -15.43 -38.67 8.91
N GLU A 35 -14.23 -39.09 8.55
CA GLU A 35 -13.29 -39.67 9.50
C GLU A 35 -12.30 -38.60 9.98
N ILE A 36 -12.55 -38.04 11.16
CA ILE A 36 -11.71 -37.02 11.75
C ILE A 36 -11.21 -37.52 13.09
N TYR A 37 -9.91 -37.41 13.32
CA TYR A 37 -9.31 -37.70 14.61
C TYR A 37 -8.79 -36.44 15.28
N ILE A 38 -8.91 -36.43 16.61
CA ILE A 38 -8.28 -35.44 17.47
C ILE A 38 -8.06 -36.09 18.83
N TYR A 39 -6.94 -35.76 19.48
CA TYR A 39 -6.65 -36.28 20.81
C TYR A 39 -6.82 -37.81 20.85
N GLY A 40 -6.26 -38.47 19.84
CA GLY A 40 -6.26 -39.91 19.78
C GLY A 40 -7.61 -40.56 19.56
N GLU A 41 -8.68 -39.79 19.38
CA GLU A 41 -10.03 -40.31 19.26
C GLU A 41 -10.67 -39.92 17.94
N ARG A 42 -11.58 -40.76 17.46
CA ARG A 42 -12.35 -40.44 16.27
C ARG A 42 -13.46 -39.46 16.66
N VAL A 43 -13.74 -38.51 15.78
CA VAL A 43 -14.80 -37.53 16.01
C VAL A 43 -16.11 -38.09 15.44
N LYS A 44 -17.18 -38.01 16.22
CA LYS A 44 -18.46 -38.59 15.80
C LYS A 44 -19.22 -37.63 14.88
N ASP A 45 -19.34 -36.38 15.28
CA ASP A 45 -20.20 -35.41 14.59
C ASP A 45 -19.59 -34.03 14.80
N VAL A 46 -18.98 -33.47 13.75
CA VAL A 46 -18.27 -32.21 13.92
C VAL A 46 -19.19 -31.13 14.40
N THR A 47 -20.49 -31.27 14.14
CA THR A 47 -21.41 -30.21 14.55
C THR A 47 -21.74 -30.25 16.04
N THR A 48 -21.42 -31.35 16.73
CA THR A 48 -21.68 -31.44 18.18
C THR A 48 -20.42 -31.62 19.02
N HIS A 49 -19.31 -32.01 18.40
CA HIS A 49 -18.08 -32.27 19.11
C HIS A 49 -17.51 -31.00 19.75
N PRO A 50 -16.87 -31.12 20.90
CA PRO A 50 -16.44 -29.91 21.61
C PRO A 50 -15.28 -29.17 20.94
N ALA A 51 -14.57 -29.81 20.00
CA ALA A 51 -13.49 -29.16 19.29
C ALA A 51 -13.95 -28.38 18.06
N PHE A 52 -15.16 -28.63 17.56
CA PHE A 52 -15.57 -28.10 16.27
C PHE A 52 -16.93 -27.43 16.24
N ARG A 53 -17.76 -27.60 17.28
CA ARG A 53 -19.17 -27.25 17.15
C ARG A 53 -19.39 -25.75 16.96
N ASN A 54 -18.58 -24.92 17.63
CA ASN A 54 -18.80 -23.48 17.56
C ASN A 54 -18.22 -22.90 16.27
N ALA A 55 -17.07 -23.40 15.83
CA ALA A 55 -16.55 -23.03 14.52
C ALA A 55 -17.57 -23.34 13.43
N ALA A 56 -18.20 -24.52 13.51
CA ALA A 56 -19.24 -24.89 12.55
C ALA A 56 -20.43 -23.93 12.63
N ALA A 57 -20.87 -23.61 13.85
CA ALA A 57 -21.94 -22.63 13.97
C ALA A 57 -21.57 -21.28 13.36
N SER A 58 -20.30 -20.89 13.46
CA SER A 58 -19.87 -19.60 12.94
C SER A 58 -19.90 -19.58 11.41
N VAL A 59 -19.43 -20.65 10.76
CA VAL A 59 -19.57 -20.73 9.30
C VAL A 59 -21.05 -20.73 8.91
N ALA A 60 -21.87 -21.48 9.67
CA ALA A 60 -23.29 -21.56 9.36
C ALA A 60 -23.91 -20.17 9.34
N GLN A 61 -23.43 -19.29 10.21
CA GLN A 61 -23.98 -17.93 10.20
C GLN A 61 -23.72 -17.24 8.87
N LEU A 62 -22.61 -17.58 8.21
CA LEU A 62 -22.33 -17.03 6.91
C LEU A 62 -23.40 -17.44 5.91
N TYR A 63 -23.72 -18.73 5.91
CA TYR A 63 -24.79 -19.20 4.99
C TYR A 63 -26.11 -18.52 5.31
N ASP A 64 -26.44 -18.36 6.59
CA ASP A 64 -27.68 -17.68 6.94
C ASP A 64 -27.74 -16.26 6.38
N ALA A 65 -26.61 -15.54 6.41
CA ALA A 65 -26.65 -14.15 5.98
C ALA A 65 -27.09 -13.99 4.52
N LEU A 66 -26.78 -14.98 3.68
CA LEU A 66 -27.11 -14.90 2.27
C LEU A 66 -28.61 -14.76 2.03
N HIS A 67 -29.42 -15.11 3.01
CA HIS A 67 -30.87 -15.19 2.81
C HIS A 67 -31.59 -14.09 3.57
N LYS A 68 -30.87 -13.27 4.30
CA LYS A 68 -31.49 -12.11 4.95
C LYS A 68 -31.74 -11.02 3.93
N PRO A 69 -32.98 -10.56 3.77
CA PRO A 69 -33.25 -9.56 2.72
C PRO A 69 -32.33 -8.35 2.78
N GLU A 70 -32.11 -7.82 3.98
CA GLU A 70 -31.32 -6.61 4.13
C GLU A 70 -29.86 -6.83 3.76
N MET A 71 -29.37 -8.08 3.74
CA MET A 71 -28.00 -8.38 3.34
C MET A 71 -27.86 -8.64 1.85
N GLN A 72 -28.95 -8.89 1.13
CA GLN A 72 -28.76 -9.54 -0.16
C GLN A 72 -28.16 -8.61 -1.19
N ASP A 73 -28.43 -7.31 -1.08
CA ASP A 73 -27.85 -6.38 -2.03
C ASP A 73 -26.32 -6.41 -1.94
N SER A 74 -25.77 -6.53 -0.73
CA SER A 74 -24.31 -6.53 -0.64
C SER A 74 -23.73 -7.92 -0.86
N LEU A 75 -24.48 -8.98 -0.53
CA LEU A 75 -23.88 -10.31 -0.52
C LEU A 75 -24.10 -11.12 -1.78
N CYS A 76 -25.19 -10.86 -2.52
CA CYS A 76 -25.69 -11.81 -3.49
C CYS A 76 -25.94 -11.23 -4.88
N TRP A 77 -25.72 -12.13 -5.85
CA TRP A 77 -26.07 -11.94 -7.25
C TRP A 77 -26.94 -13.11 -7.70
N ASN A 78 -27.70 -12.90 -8.79
CA ASN A 78 -28.23 -14.02 -9.55
C ASN A 78 -27.10 -14.89 -10.04
N THR A 79 -27.36 -16.19 -10.14
CA THR A 79 -26.41 -17.08 -10.80
C THR A 79 -26.34 -16.74 -12.28
N ASP A 80 -25.29 -17.20 -12.95
CA ASP A 80 -25.16 -17.07 -14.40
C ASP A 80 -25.47 -18.37 -15.13
N THR A 81 -26.12 -19.33 -14.46
CA THR A 81 -26.32 -20.68 -14.99
C THR A 81 -27.67 -20.86 -15.66
N GLY A 82 -28.58 -19.92 -15.47
CA GLY A 82 -29.92 -20.06 -15.95
C GLY A 82 -30.86 -20.68 -14.94
N SER A 83 -30.37 -21.00 -13.75
CA SER A 83 -31.18 -21.73 -12.77
C SER A 83 -32.26 -20.86 -12.15
N GLY A 84 -32.15 -19.54 -12.30
CA GLY A 84 -33.03 -18.62 -11.60
C GLY A 84 -32.69 -18.39 -10.14
N GLY A 85 -31.60 -18.94 -9.65
CA GLY A 85 -31.24 -18.83 -8.26
C GLY A 85 -30.32 -17.67 -8.00
N TYR A 86 -29.83 -17.61 -6.76
CA TYR A 86 -28.86 -16.62 -6.35
C TYR A 86 -27.74 -17.28 -5.59
N THR A 87 -26.66 -16.50 -5.41
CA THR A 87 -25.43 -16.98 -4.80
C THR A 87 -24.63 -15.79 -4.28
N HIS A 88 -23.63 -16.10 -3.46
CA HIS A 88 -22.71 -15.07 -2.99
C HIS A 88 -21.88 -14.55 -4.17
N LYS A 89 -21.70 -13.23 -4.24
CA LYS A 89 -21.21 -12.64 -5.47
C LYS A 89 -19.89 -13.22 -5.89
N PHE A 90 -19.04 -13.60 -4.92
CA PHE A 90 -17.71 -14.11 -5.24
C PHE A 90 -17.74 -15.53 -5.78
N PHE A 91 -18.92 -16.15 -5.83
CA PHE A 91 -19.06 -17.51 -6.38
C PHE A 91 -19.39 -17.51 -7.87
N ARG A 92 -19.59 -16.33 -8.46
CA ARG A 92 -19.89 -16.19 -9.88
C ARG A 92 -18.78 -15.41 -10.57
N VAL A 93 -18.45 -15.80 -11.81
CA VAL A 93 -17.33 -15.18 -12.51
C VAL A 93 -17.53 -13.68 -12.72
N ALA A 94 -16.46 -12.91 -12.51
CA ALA A 94 -16.45 -11.47 -12.67
C ALA A 94 -16.11 -11.14 -14.12
N LYS A 95 -16.88 -10.21 -14.71
CA LYS A 95 -16.70 -9.83 -16.11
C LYS A 95 -16.44 -8.34 -16.29
N SER A 96 -16.02 -7.64 -15.22
CA SER A 96 -15.65 -6.24 -15.29
C SER A 96 -14.92 -5.85 -14.00
N ALA A 97 -14.28 -4.68 -14.02
CA ALA A 97 -13.69 -4.14 -12.81
C ALA A 97 -14.76 -3.90 -11.76
N ASP A 98 -15.93 -3.41 -12.18
CA ASP A 98 -16.96 -3.16 -11.17
C ASP A 98 -17.48 -4.45 -10.53
N ASP A 99 -17.56 -5.55 -11.30
CA ASP A 99 -17.94 -6.83 -10.72
C ASP A 99 -16.97 -7.22 -9.60
N LEU A 100 -15.66 -7.05 -9.85
CA LEU A 100 -14.66 -7.33 -8.81
C LEU A 100 -14.87 -6.44 -7.60
N ARG A 101 -15.20 -5.17 -7.81
CA ARG A 101 -15.45 -4.30 -6.66
C ARG A 101 -16.64 -4.80 -5.86
N GLN A 102 -17.72 -5.22 -6.55
CA GLN A 102 -18.86 -5.75 -5.82
C GLN A 102 -18.51 -7.04 -5.09
N GLN A 103 -17.69 -7.90 -5.70
CA GLN A 103 -17.21 -9.10 -5.03
C GLN A 103 -16.39 -8.76 -3.79
N ARG A 104 -15.45 -7.82 -3.94
CA ARG A 104 -14.64 -7.29 -2.84
C ARG A 104 -15.54 -6.88 -1.67
N ASP A 105 -16.61 -6.16 -1.98
CA ASP A 105 -17.51 -5.72 -0.90
C ASP A 105 -18.30 -6.89 -0.30
N ALA A 106 -18.64 -7.91 -1.09
CA ALA A 106 -19.37 -9.05 -0.55
C ALA A 106 -18.49 -9.92 0.35
N ILE A 107 -17.24 -10.13 -0.07
CA ILE A 107 -16.25 -10.78 0.79
C ILE A 107 -16.13 -10.03 2.11
N ALA A 108 -16.00 -8.71 2.04
CA ALA A 108 -15.87 -7.95 3.29
C ALA A 108 -17.07 -8.18 4.19
N GLU A 109 -18.29 -8.15 3.62
CA GLU A 109 -19.47 -8.31 4.46
C GLU A 109 -19.44 -9.66 5.16
N TRP A 110 -19.05 -10.71 4.45
CA TRP A 110 -18.94 -12.01 5.12
C TRP A 110 -17.82 -12.03 6.17
N SER A 111 -16.65 -11.48 5.84
CA SER A 111 -15.54 -11.54 6.80
C SER A 111 -15.92 -10.81 8.08
N ARG A 112 -16.74 -9.77 7.99
CA ARG A 112 -17.11 -9.05 9.20
C ARG A 112 -17.86 -9.93 10.20
N LEU A 113 -18.51 -10.99 9.75
CA LEU A 113 -19.23 -11.86 10.67
C LEU A 113 -18.32 -12.72 11.53
N SER A 114 -17.03 -12.83 11.19
CA SER A 114 -16.04 -13.37 12.13
C SER A 114 -15.00 -12.33 12.54
N TYR A 115 -15.29 -11.04 12.34
CA TYR A 115 -14.38 -9.96 12.68
C TYR A 115 -13.01 -10.18 12.06
N GLY A 116 -12.98 -10.85 10.91
CA GLY A 116 -11.75 -11.10 10.19
C GLY A 116 -10.91 -12.28 10.64
N TRP A 117 -11.40 -13.07 11.60
CA TRP A 117 -10.60 -14.13 12.17
C TRP A 117 -10.68 -15.43 11.41
N MET A 118 -11.73 -15.72 10.67
CA MET A 118 -11.74 -16.97 9.91
C MET A 118 -11.21 -16.68 8.51
N GLY A 119 -10.10 -17.30 8.17
CA GLY A 119 -9.44 -17.00 6.92
C GLY A 119 -9.71 -17.98 5.80
N ARG A 120 -10.37 -19.10 6.10
CA ARG A 120 -10.63 -20.11 5.08
C ARG A 120 -12.12 -20.39 4.97
N THR A 121 -12.95 -19.35 5.00
CA THR A 121 -14.38 -19.52 4.82
C THR A 121 -14.67 -19.91 3.37
N PRO A 122 -15.93 -20.23 3.04
CA PRO A 122 -16.21 -20.79 1.70
C PRO A 122 -15.86 -19.87 0.54
N ASP A 123 -15.88 -18.56 0.76
CA ASP A 123 -15.56 -17.62 -0.31
C ASP A 123 -14.13 -17.72 -0.75
N TYR A 124 -13.26 -18.31 0.06
CA TYR A 124 -11.87 -18.46 -0.35
C TYR A 124 -11.74 -19.35 -1.57
N LYS A 125 -12.35 -20.53 -1.56
CA LYS A 125 -12.28 -21.42 -2.73
C LYS A 125 -13.38 -21.15 -3.75
N ALA A 126 -14.35 -20.29 -3.44
CA ALA A 126 -15.20 -19.78 -4.50
C ALA A 126 -14.37 -19.31 -5.68
N ALA A 127 -13.14 -18.84 -5.42
CA ALA A 127 -12.28 -18.38 -6.49
C ALA A 127 -11.77 -19.53 -7.33
N PHE A 128 -11.66 -20.72 -6.72
CA PHE A 128 -11.31 -21.92 -7.48
C PHE A 128 -12.47 -22.30 -8.41
N GLY A 129 -13.68 -22.29 -7.88
CA GLY A 129 -14.86 -22.47 -8.72
C GLY A 129 -14.89 -21.53 -9.91
N CYS A 130 -14.69 -20.24 -9.66
CA CYS A 130 -14.72 -19.26 -10.74
C CYS A 130 -13.59 -19.49 -11.71
N ALA A 131 -12.43 -19.89 -11.23
CA ALA A 131 -11.33 -20.17 -12.15
C ALA A 131 -11.70 -21.31 -13.10
N LEU A 132 -12.38 -22.33 -12.57
CA LEU A 132 -12.81 -23.46 -13.40
C LEU A 132 -13.84 -23.00 -14.44
N GLY A 133 -14.83 -22.22 -14.00
CA GLY A 133 -15.86 -21.72 -14.88
C GLY A 133 -15.37 -20.74 -15.93
N ALA A 134 -14.27 -20.03 -15.65
CA ALA A 134 -13.75 -19.02 -16.57
C ALA A 134 -12.80 -19.57 -17.62
N ASN A 135 -11.97 -20.58 -17.28
CA ASN A 135 -10.99 -21.12 -18.22
C ASN A 135 -11.07 -22.65 -18.28
N PRO A 136 -12.26 -23.20 -18.49
CA PRO A 136 -12.38 -24.68 -18.53
C PRO A 136 -11.58 -25.32 -19.65
N GLY A 137 -11.38 -24.64 -20.77
CA GLY A 137 -10.58 -25.22 -21.84
C GLY A 137 -9.20 -25.63 -21.37
N PHE A 138 -8.70 -24.95 -20.33
CA PHE A 138 -7.35 -25.24 -19.86
C PHE A 138 -7.18 -26.73 -19.61
N TYR A 139 -8.25 -27.41 -19.22
CA TYR A 139 -8.16 -28.75 -18.68
C TYR A 139 -8.28 -29.85 -19.74
N GLY A 140 -8.17 -29.51 -21.03
CA GLY A 140 -8.23 -30.52 -22.07
C GLY A 140 -9.43 -31.45 -21.92
N GLN A 141 -9.18 -32.76 -21.78
CA GLN A 141 -10.28 -33.73 -21.73
C GLN A 141 -11.17 -33.58 -20.49
N PHE A 142 -10.68 -32.90 -19.45
CA PHE A 142 -11.50 -32.71 -18.27
C PHE A 142 -12.20 -31.37 -18.27
N GLU A 143 -12.17 -30.66 -19.40
CA GLU A 143 -12.89 -29.40 -19.50
C GLU A 143 -14.30 -29.49 -18.96
N GLN A 144 -15.01 -30.58 -19.29
CA GLN A 144 -16.41 -30.63 -18.90
C GLN A 144 -16.56 -30.74 -17.39
N ASN A 145 -15.64 -31.45 -16.73
CA ASN A 145 -15.60 -31.49 -15.27
C ASN A 145 -15.44 -30.06 -14.70
N ALA A 146 -14.55 -29.28 -15.29
CA ALA A 146 -14.38 -27.89 -14.87
C ALA A 146 -15.73 -27.18 -14.93
N ARG A 147 -16.42 -27.31 -16.07
CA ARG A 147 -17.67 -26.59 -16.24
C ARG A 147 -18.66 -27.01 -15.17
N ASN A 148 -18.75 -28.32 -14.94
CA ASN A 148 -19.79 -28.81 -14.04
C ASN A 148 -19.46 -28.40 -12.61
N TRP A 149 -18.19 -28.43 -12.26
CA TRP A 149 -17.84 -28.04 -10.90
C TRP A 149 -18.13 -26.55 -10.67
N TYR A 150 -17.87 -25.72 -11.69
CA TYR A 150 -18.25 -24.32 -11.57
C TYR A 150 -19.72 -24.22 -11.21
N THR A 151 -20.58 -24.88 -12.02
CA THR A 151 -22.01 -24.74 -11.82
C THR A 151 -22.37 -25.16 -10.42
N ARG A 152 -21.83 -26.30 -10.00
CA ARG A 152 -22.24 -26.85 -8.72
C ARG A 152 -21.80 -25.93 -7.59
N ILE A 153 -20.52 -25.53 -7.61
CA ILE A 153 -20.04 -24.68 -6.52
C ILE A 153 -20.85 -23.39 -6.48
N GLN A 154 -21.12 -22.83 -7.66
CA GLN A 154 -21.81 -21.54 -7.71
C GLN A 154 -23.22 -21.67 -7.14
N GLU A 155 -23.97 -22.70 -7.55
CA GLU A 155 -25.38 -22.69 -7.21
C GLU A 155 -25.61 -23.09 -5.76
N THR A 156 -24.74 -23.93 -5.26
CA THR A 156 -24.96 -24.51 -3.94
C THR A 156 -24.25 -23.74 -2.82
N GLY A 157 -23.18 -23.03 -3.14
CA GLY A 157 -22.30 -22.52 -2.08
C GLY A 157 -21.49 -23.60 -1.40
N LEU A 158 -21.12 -24.64 -2.14
CA LEU A 158 -20.32 -25.71 -1.55
C LEU A 158 -19.06 -25.16 -0.91
N TYR A 159 -18.67 -25.74 0.23
CA TYR A 159 -17.49 -25.32 0.98
C TYR A 159 -16.33 -26.20 0.58
N PHE A 160 -15.42 -25.66 -0.26
CA PHE A 160 -14.15 -26.28 -0.59
C PHE A 160 -13.02 -25.73 0.28
N ASN A 161 -11.93 -26.50 0.37
CA ASN A 161 -10.63 -26.02 0.84
C ASN A 161 -9.63 -26.62 -0.13
N HIS A 162 -8.42 -26.08 -0.12
CA HIS A 162 -7.32 -26.69 -0.85
C HIS A 162 -6.34 -27.24 0.18
N ALA A 163 -5.90 -28.45 0.00
CA ALA A 163 -4.80 -29.02 0.78
C ALA A 163 -3.64 -29.09 -0.18
N ILE A 164 -2.55 -28.37 0.07
CA ILE A 164 -1.58 -28.39 -1.03
C ILE A 164 -0.10 -28.48 -0.63
N VAL A 165 0.21 -28.47 0.67
CA VAL A 165 1.60 -28.61 1.12
C VAL A 165 2.00 -30.08 1.24
N ASN A 166 3.11 -30.42 0.67
CA ASN A 166 3.57 -31.79 0.65
C ASN A 166 4.17 -32.21 1.99
N PRO A 167 4.13 -33.51 2.30
CA PRO A 167 4.69 -34.00 3.58
C PRO A 167 6.19 -34.01 3.56
N PRO A 168 6.85 -33.87 4.71
CA PRO A 168 8.31 -33.88 4.77
C PRO A 168 8.89 -35.19 4.26
N ILE A 169 10.12 -35.11 3.78
CA ILE A 169 10.83 -36.25 3.21
C ILE A 169 12.11 -36.51 3.99
N ASP A 170 12.16 -37.68 4.64
CA ASP A 170 13.39 -38.19 5.22
C ASP A 170 14.38 -38.55 4.11
N ARG A 171 15.43 -37.74 3.97
CA ARG A 171 16.46 -37.95 2.96
C ARG A 171 17.55 -38.94 3.42
N HIS A 172 17.37 -39.62 4.56
CA HIS A 172 18.21 -40.76 4.94
C HIS A 172 17.61 -42.11 4.53
N LEU A 173 16.31 -42.16 4.21
CA LEU A 173 15.68 -43.39 3.75
C LEU A 173 16.03 -43.71 2.29
N PRO A 174 15.62 -44.90 1.82
CA PRO A 174 15.77 -45.22 0.38
C PRO A 174 14.91 -44.35 -0.53
N THR A 175 15.30 -44.31 -1.81
CA THR A 175 14.60 -43.49 -2.78
C THR A 175 13.15 -43.93 -2.99
N ASP A 176 12.84 -45.20 -2.82
CA ASP A 176 11.48 -45.55 -2.49
C ASP A 176 11.27 -45.43 -0.98
N LYS A 177 9.98 -45.42 -0.57
CA LYS A 177 9.55 -45.29 0.82
C LYS A 177 9.27 -43.80 0.99
N VAL A 178 10.09 -42.98 0.32
CA VAL A 178 9.88 -41.55 0.24
C VAL A 178 9.20 -41.19 -1.08
N LYS A 179 9.07 -42.16 -2.00
CA LYS A 179 8.18 -42.01 -3.15
C LYS A 179 6.73 -42.20 -2.75
N ASP A 180 6.52 -43.05 -1.75
CA ASP A 180 5.17 -43.38 -1.34
C ASP A 180 4.38 -42.24 -0.75
N VAL A 181 5.06 -41.20 -0.35
CA VAL A 181 4.51 -40.27 0.62
C VAL A 181 3.77 -39.07 0.06
N TYR A 182 4.06 -38.68 -1.15
CA TYR A 182 3.28 -37.70 -1.88
C TYR A 182 2.00 -38.34 -2.46
N ILE A 183 1.00 -37.48 -2.71
CA ILE A 183 -0.21 -37.92 -3.41
C ILE A 183 0.19 -38.54 -4.75
N LYS A 184 -0.27 -39.76 -4.99
CA LYS A 184 0.09 -40.49 -6.20
C LYS A 184 -1.05 -41.41 -6.65
N LEU A 185 -1.03 -41.69 -7.94
CA LEU A 185 -1.96 -42.63 -8.54
C LEU A 185 -1.58 -44.05 -8.12
N GLU A 186 -2.45 -44.70 -7.34
CA GLU A 186 -2.29 -46.13 -7.08
C GLU A 186 -2.88 -46.94 -8.23
N LYS A 187 -4.11 -46.63 -8.63
CA LYS A 187 -4.80 -47.51 -9.57
C LYS A 187 -5.71 -46.72 -10.51
N GLU A 188 -5.66 -47.06 -11.79
CA GLU A 188 -6.56 -46.53 -12.80
C GLU A 188 -7.67 -47.55 -13.04
N THR A 189 -8.93 -47.12 -12.96
CA THR A 189 -10.04 -48.02 -13.19
C THR A 189 -11.12 -47.34 -14.03
N ASP A 190 -12.15 -48.13 -14.39
CA ASP A 190 -13.27 -47.55 -15.11
C ASP A 190 -14.08 -46.57 -14.27
N ALA A 191 -14.14 -46.78 -12.96
CA ALA A 191 -14.95 -45.92 -12.10
C ALA A 191 -14.19 -44.73 -11.52
N GLY A 192 -12.93 -44.52 -11.91
CA GLY A 192 -12.10 -43.46 -11.36
C GLY A 192 -10.71 -43.92 -10.97
N ILE A 193 -10.00 -43.07 -10.22
CA ILE A 193 -8.62 -43.36 -9.83
C ILE A 193 -8.57 -43.60 -8.33
N ILE A 194 -7.68 -44.48 -7.92
CA ILE A 194 -7.42 -44.74 -6.52
C ILE A 194 -6.09 -44.11 -6.22
N VAL A 195 -6.07 -43.33 -5.13
CA VAL A 195 -4.94 -42.46 -4.80
C VAL A 195 -4.64 -42.60 -3.32
N SER A 196 -3.36 -42.46 -2.98
CA SER A 196 -2.92 -42.44 -1.60
C SER A 196 -1.84 -41.38 -1.45
N GLY A 197 -1.81 -40.79 -0.26
CA GLY A 197 -0.79 -39.83 0.10
C GLY A 197 -1.32 -38.87 1.15
N ALA A 198 -0.61 -37.76 1.33
CA ALA A 198 -1.05 -36.81 2.33
C ALA A 198 -0.73 -35.38 1.92
N LYS A 199 -1.53 -34.48 2.47
CA LYS A 199 -1.28 -33.05 2.37
C LYS A 199 -1.27 -32.53 3.81
N VAL A 200 -0.23 -31.82 4.19
CA VAL A 200 -0.20 -31.22 5.52
C VAL A 200 -0.87 -29.85 5.41
N VAL A 201 -1.44 -29.39 6.49
CA VAL A 201 -2.14 -28.11 6.47
C VAL A 201 -3.39 -28.18 5.59
N ALA A 202 -4.48 -28.62 6.18
CA ALA A 202 -5.80 -28.60 5.61
C ALA A 202 -6.64 -27.75 6.53
N THR A 203 -6.44 -26.43 6.46
CA THR A 203 -7.04 -25.53 7.43
C THR A 203 -8.56 -25.54 7.35
N ASN A 204 -9.20 -25.93 8.44
CA ASN A 204 -10.64 -26.00 8.59
C ASN A 204 -11.32 -27.04 7.70
N SER A 205 -10.56 -27.98 7.14
CA SER A 205 -11.14 -29.03 6.31
C SER A 205 -12.19 -29.85 7.07
N ALA A 206 -12.06 -29.96 8.39
CA ALA A 206 -13.06 -30.68 9.16
C ALA A 206 -14.47 -30.17 8.92
N LEU A 207 -14.62 -28.94 8.43
CA LEU A 207 -15.94 -28.36 8.29
C LEU A 207 -16.32 -28.15 6.83
N THR A 208 -15.57 -28.74 5.90
CA THR A 208 -15.81 -28.54 4.48
C THR A 208 -16.54 -29.74 3.85
N HIS A 209 -16.99 -29.55 2.60
CA HIS A 209 -17.57 -30.62 1.81
C HIS A 209 -16.55 -31.31 0.94
N TYR A 210 -15.69 -30.55 0.27
CA TYR A 210 -14.67 -31.12 -0.60
C TYR A 210 -13.35 -30.41 -0.36
N ASN A 211 -12.27 -31.07 -0.75
CA ASN A 211 -10.96 -30.47 -0.80
C ASN A 211 -10.45 -30.65 -2.21
N MET A 212 -9.77 -29.63 -2.74
CA MET A 212 -8.97 -29.78 -3.94
C MET A 212 -7.57 -30.21 -3.55
N ILE A 213 -7.04 -31.19 -4.28
CA ILE A 213 -5.70 -31.72 -4.07
C ILE A 213 -4.97 -31.53 -5.37
N GLY A 214 -3.76 -30.97 -5.31
CA GLY A 214 -2.97 -30.78 -6.50
C GLY A 214 -1.49 -30.80 -6.19
N SER A 215 -0.70 -30.65 -7.26
CA SER A 215 0.79 -30.56 -7.17
C SER A 215 1.30 -29.15 -7.03
N SER A 223 10.37 -36.71 -12.60
CA SER A 223 9.37 -37.34 -13.46
C SER A 223 8.45 -38.30 -12.68
N ASP A 224 7.87 -39.26 -13.39
CA ASP A 224 6.82 -40.17 -12.91
C ASP A 224 5.47 -39.44 -12.93
N PRO A 225 4.76 -39.48 -14.06
CA PRO A 225 3.47 -38.78 -14.13
C PRO A 225 2.45 -39.23 -13.10
N ASP A 226 2.69 -40.35 -12.41
CA ASP A 226 1.74 -40.79 -11.40
C ASP A 226 1.57 -39.75 -10.29
N PHE A 227 2.48 -38.78 -10.18
CA PHE A 227 2.37 -37.75 -9.16
C PHE A 227 1.73 -36.46 -9.66
N ALA A 228 1.56 -36.27 -10.97
CA ALA A 228 1.10 -34.99 -11.52
C ALA A 228 -0.42 -35.01 -11.61
N LEU A 229 -1.05 -34.76 -10.48
CA LEU A 229 -2.49 -34.89 -10.38
C LEU A 229 -3.11 -33.63 -9.84
N MET A 230 -4.35 -33.36 -10.26
CA MET A 230 -5.23 -32.46 -9.55
C MET A 230 -6.64 -32.99 -9.61
N PHE A 231 -7.29 -33.01 -8.45
CA PHE A 231 -8.63 -33.57 -8.35
C PHE A 231 -9.33 -33.03 -7.12
N VAL A 232 -10.61 -33.38 -7.03
CA VAL A 232 -11.49 -33.03 -5.94
C VAL A 232 -11.86 -34.29 -5.16
N ALA A 233 -11.91 -34.18 -3.83
CA ALA A 233 -12.27 -35.31 -2.98
C ALA A 233 -13.26 -34.88 -1.91
N PRO A 234 -14.36 -35.60 -1.76
CA PRO A 234 -15.28 -35.27 -0.66
C PRO A 234 -14.66 -35.67 0.66
N MET A 235 -15.13 -34.97 1.72
CA MET A 235 -14.64 -35.23 3.07
C MET A 235 -15.23 -36.51 3.68
N ASP A 236 -16.31 -37.05 3.13
CA ASP A 236 -16.90 -38.30 3.61
C ASP A 236 -16.53 -39.49 2.72
N ALA A 237 -15.61 -39.31 1.78
CA ALA A 237 -15.08 -40.43 1.02
C ALA A 237 -14.32 -41.39 1.93
N ASP A 238 -14.46 -42.68 1.64
CA ASP A 238 -13.81 -43.73 2.42
C ASP A 238 -12.31 -43.70 2.14
N GLY A 239 -11.51 -43.57 3.21
CA GLY A 239 -10.07 -43.42 3.08
C GLY A 239 -9.57 -41.99 3.25
N VAL A 240 -10.46 -41.01 3.17
CA VAL A 240 -10.13 -39.63 3.49
C VAL A 240 -10.21 -39.47 5.00
N LYS A 241 -9.11 -39.02 5.62
CA LYS A 241 -9.07 -38.86 7.08
C LYS A 241 -8.35 -37.57 7.45
N LEU A 242 -8.82 -36.90 8.49
CA LEU A 242 -8.12 -35.74 9.04
C LEU A 242 -7.51 -36.09 10.38
N ILE A 243 -6.23 -35.75 10.55
CA ILE A 243 -5.57 -35.77 11.84
C ILE A 243 -5.45 -34.32 12.29
N SER A 244 -6.19 -33.96 13.31
CA SER A 244 -6.30 -32.60 13.78
C SER A 244 -5.10 -32.19 14.65
N ARG A 245 -4.90 -30.87 14.74
CA ARG A 245 -4.05 -30.24 15.73
C ARG A 245 -4.85 -29.96 16.99
N ALA A 246 -4.15 -29.47 18.03
CA ALA A 246 -4.82 -29.13 19.26
C ALA A 246 -5.98 -28.21 18.93
N SER A 247 -7.03 -28.27 19.75
CA SER A 247 -8.22 -27.49 19.51
C SER A 247 -8.30 -26.37 20.52
N TYR A 248 -8.08 -25.14 20.04
CA TYR A 248 -8.19 -23.99 20.93
C TYR A 248 -9.63 -23.80 21.35
N GLU A 249 -10.58 -24.17 20.48
CA GLU A 249 -11.98 -24.15 20.88
C GLU A 249 -12.24 -25.07 22.07
N MET A 250 -11.77 -26.30 21.98
CA MET A 250 -12.09 -27.24 23.04
C MET A 250 -11.41 -26.84 24.35
N VAL A 251 -10.12 -26.47 24.29
CA VAL A 251 -9.42 -26.01 25.50
C VAL A 251 -10.14 -24.81 26.09
N ALA A 252 -10.55 -23.85 25.26
CA ALA A 252 -11.23 -22.68 25.83
C ALA A 252 -12.56 -23.05 26.44
N GLY A 253 -13.25 -24.04 25.88
CA GLY A 253 -14.49 -24.49 26.48
C GLY A 253 -14.28 -25.28 27.75
N ALA A 254 -13.24 -26.11 27.79
CA ALA A 254 -12.94 -27.01 28.88
C ALA A 254 -12.33 -26.29 30.09
N THR A 255 -11.50 -25.29 29.86
CA THR A 255 -10.76 -24.66 30.96
C THR A 255 -10.97 -23.16 30.97
N GLY A 256 -11.82 -22.64 30.10
CA GLY A 256 -12.06 -21.22 30.07
C GLY A 256 -13.53 -20.94 29.88
N SER A 257 -13.83 -19.88 29.14
CA SER A 257 -15.19 -19.38 28.98
C SER A 257 -15.18 -18.43 27.81
N PRO A 258 -16.36 -18.07 27.29
CA PRO A 258 -16.41 -17.05 26.22
C PRO A 258 -15.81 -15.72 26.61
N TYR A 259 -16.06 -15.30 27.85
CA TYR A 259 -15.54 -14.04 28.35
C TYR A 259 -14.02 -14.06 28.40
N ASP A 260 -13.42 -15.22 28.69
CA ASP A 260 -11.98 -15.38 28.82
C ASP A 260 -11.28 -15.65 27.49
N TYR A 261 -11.94 -16.31 26.54
CA TYR A 261 -11.35 -16.63 25.23
C TYR A 261 -12.41 -16.40 24.17
N PRO A 262 -12.77 -15.13 23.94
CA PRO A 262 -13.93 -14.80 23.10
C PRO A 262 -13.75 -15.09 21.62
N LEU A 263 -12.53 -15.29 21.13
CA LEU A 263 -12.29 -15.64 19.74
C LEU A 263 -11.97 -17.12 19.60
N SER A 264 -11.08 -17.61 20.47
CA SER A 264 -10.76 -19.04 20.49
C SER A 264 -12.01 -19.89 20.58
N SER A 265 -13.00 -19.42 21.34
CA SER A 265 -14.20 -20.19 21.62
C SER A 265 -15.12 -20.31 20.40
N ARG A 266 -14.92 -19.50 19.35
CA ARG A 266 -15.86 -19.60 18.24
C ARG A 266 -15.28 -19.51 16.85
N PHE A 267 -14.02 -19.13 16.67
CA PHE A 267 -13.48 -18.91 15.34
C PHE A 267 -12.28 -19.78 15.03
N ASP A 268 -12.03 -20.81 15.82
CA ASP A 268 -10.86 -21.65 15.61
C ASP A 268 -11.02 -22.51 14.37
N GLU A 269 -10.03 -22.44 13.47
CA GLU A 269 -10.02 -23.18 12.20
C GLU A 269 -8.89 -24.21 12.29
N ASN A 270 -9.23 -25.46 12.57
CA ASN A 270 -8.21 -26.46 12.89
C ASN A 270 -7.34 -26.79 11.67
N ASP A 271 -6.03 -26.65 11.83
CA ASP A 271 -5.08 -26.90 10.75
C ASP A 271 -4.73 -28.39 10.76
N ALA A 272 -5.47 -29.16 9.97
CA ALA A 272 -5.33 -30.62 9.97
C ALA A 272 -4.29 -31.12 8.96
N ILE A 273 -3.79 -32.31 9.22
CA ILE A 273 -3.15 -33.14 8.21
C ILE A 273 -4.25 -33.94 7.50
N LEU A 274 -4.23 -33.94 6.18
CA LEU A 274 -5.21 -34.66 5.37
C LEU A 274 -4.53 -35.91 4.82
N VAL A 275 -5.13 -37.06 5.13
CA VAL A 275 -4.61 -38.36 4.75
C VAL A 275 -5.58 -38.97 3.73
N MET A 276 -5.03 -39.49 2.66
CA MET A 276 -5.80 -40.28 1.71
C MET A 276 -5.20 -41.67 1.66
N ASP A 277 -5.99 -42.64 2.14
CA ASP A 277 -5.62 -44.06 2.15
C ASP A 277 -6.51 -44.75 1.12
N ASN A 278 -5.97 -44.95 -0.08
CA ASN A 278 -6.63 -45.73 -1.13
C ASN A 278 -7.97 -45.11 -1.53
N VAL A 279 -8.03 -43.81 -1.71
CA VAL A 279 -9.33 -43.18 -1.93
C VAL A 279 -9.70 -43.30 -3.40
N LEU A 280 -10.97 -43.61 -3.66
CA LEU A 280 -11.49 -43.66 -5.02
C LEU A 280 -12.02 -42.29 -5.41
N ILE A 281 -11.41 -41.69 -6.42
CA ILE A 281 -11.81 -40.40 -6.99
C ILE A 281 -12.51 -40.68 -8.31
N PRO A 282 -13.83 -40.51 -8.40
CA PRO A 282 -14.51 -40.73 -9.69
C PRO A 282 -13.94 -39.80 -10.76
N TRP A 283 -14.03 -40.25 -12.01
CA TRP A 283 -13.42 -39.49 -13.10
C TRP A 283 -14.01 -38.09 -13.22
N GLU A 284 -15.26 -37.90 -12.79
CA GLU A 284 -15.91 -36.58 -12.83
C GLU A 284 -15.29 -35.59 -11.83
N ASN A 285 -14.37 -36.05 -10.97
CA ASN A 285 -13.71 -35.24 -9.97
C ASN A 285 -12.24 -35.02 -10.30
N VAL A 286 -11.80 -35.49 -11.46
CA VAL A 286 -10.42 -35.33 -11.90
C VAL A 286 -10.35 -34.11 -12.80
N LEU A 287 -9.26 -33.31 -12.67
CA LEU A 287 -9.09 -32.08 -13.43
C LEU A 287 -7.78 -32.05 -14.21
N ILE A 288 -6.71 -32.56 -13.62
CA ILE A 288 -5.45 -32.75 -14.31
C ILE A 288 -4.99 -34.17 -13.98
N TYR A 289 -4.53 -34.90 -15.00
CA TYR A 289 -4.25 -36.34 -14.87
C TYR A 289 -2.95 -36.72 -15.55
N ARG A 290 -1.93 -37.05 -14.75
CA ARG A 290 -0.65 -37.57 -15.24
C ARG A 290 -0.04 -36.62 -16.27
N ASP A 291 0.10 -35.35 -15.86
CA ASP A 291 0.28 -34.25 -16.81
C ASP A 291 1.17 -33.19 -16.16
N PHE A 292 2.49 -33.39 -16.28
CA PHE A 292 3.42 -32.41 -15.72
C PHE A 292 3.23 -31.03 -16.36
N ASP A 293 2.92 -30.97 -17.65
CA ASP A 293 2.83 -29.69 -18.34
C ASP A 293 1.70 -28.84 -17.75
N ARG A 294 0.51 -29.44 -17.62
CA ARG A 294 -0.62 -28.71 -17.03
C ARG A 294 -0.37 -28.41 -15.56
N CYS A 295 0.26 -29.33 -14.83
CA CYS A 295 0.52 -29.06 -13.42
C CYS A 295 1.46 -27.87 -13.25
N ARG A 296 2.49 -27.80 -14.09
CA ARG A 296 3.45 -26.72 -14.03
C ARG A 296 2.86 -25.38 -14.46
N ARG A 297 1.93 -25.41 -15.43
CA ARG A 297 1.35 -24.18 -15.95
C ARG A 297 0.11 -23.69 -15.19
N TRP A 298 -0.42 -24.47 -14.25
CA TRP A 298 -1.71 -24.12 -13.68
C TRP A 298 -1.64 -22.88 -12.79
N THR A 299 -0.52 -22.65 -12.10
CA THR A 299 -0.42 -21.50 -11.20
C THR A 299 -0.54 -20.19 -11.96
N MET A 300 0.15 -20.09 -13.09
CA MET A 300 0.10 -18.89 -13.91
C MET A 300 -1.16 -18.84 -14.76
N GLU A 301 -1.63 -19.98 -15.29
CA GLU A 301 -2.67 -19.91 -16.29
C GLU A 301 -4.04 -20.32 -15.81
N GLY A 302 -4.16 -21.00 -14.67
CA GLY A 302 -5.45 -21.50 -14.24
C GLY A 302 -6.36 -20.46 -13.66
N GLY A 303 -5.81 -19.36 -13.17
CA GLY A 303 -6.58 -18.29 -12.65
C GLY A 303 -6.67 -18.25 -11.15
N PHE A 304 -6.64 -19.39 -10.47
CA PHE A 304 -6.91 -19.41 -9.04
C PHE A 304 -5.89 -18.56 -8.30
N ALA A 305 -4.61 -18.72 -8.65
CA ALA A 305 -3.55 -17.97 -7.98
C ALA A 305 -3.69 -16.48 -8.24
N ARG A 306 -4.32 -16.11 -9.34
CA ARG A 306 -4.52 -14.72 -9.73
C ARG A 306 -5.84 -14.16 -9.21
N MET A 307 -6.61 -14.94 -8.45
CA MET A 307 -7.92 -14.53 -7.98
C MET A 307 -8.09 -14.58 -6.47
N TYR A 308 -7.62 -15.64 -5.80
CA TYR A 308 -7.98 -15.77 -4.38
C TYR A 308 -7.34 -14.67 -3.53
N PRO A 309 -6.19 -14.08 -3.91
CA PRO A 309 -5.62 -13.04 -3.03
C PRO A 309 -6.55 -11.85 -2.86
N LEU A 310 -7.50 -11.63 -3.77
CA LEU A 310 -8.50 -10.61 -3.53
C LEU A 310 -9.26 -10.90 -2.25
N GLN A 311 -9.66 -12.15 -2.06
CA GLN A 311 -10.34 -12.54 -0.84
C GLN A 311 -9.42 -12.41 0.37
N ALA A 312 -8.17 -12.83 0.23
CA ALA A 312 -7.30 -12.90 1.39
C ALA A 312 -6.88 -11.48 1.84
N CYS A 313 -6.70 -10.57 0.87
CA CYS A 313 -6.38 -9.19 1.22
C CYS A 313 -7.56 -8.54 1.94
N VAL A 314 -8.79 -8.77 1.46
CA VAL A 314 -9.93 -8.12 2.08
C VAL A 314 -10.14 -8.65 3.49
N ARG A 315 -10.01 -9.95 3.63
CA ARG A 315 -10.18 -10.61 4.93
C ARG A 315 -9.17 -10.07 5.93
N LEU A 316 -7.92 -9.93 5.50
CA LEU A 316 -6.92 -9.33 6.38
C LEU A 316 -7.31 -7.88 6.69
N ALA A 317 -7.79 -7.15 5.69
CA ALA A 317 -8.13 -5.76 5.94
C ALA A 317 -9.25 -5.67 6.97
N VAL A 318 -10.20 -6.60 6.91
CA VAL A 318 -11.25 -6.58 7.91
C VAL A 318 -10.66 -6.92 9.27
N LYS A 319 -9.76 -7.90 9.32
CA LYS A 319 -9.12 -8.19 10.61
C LYS A 319 -8.41 -6.94 11.15
N LEU A 320 -7.77 -6.18 10.25
CA LEU A 320 -7.04 -5.01 10.73
C LEU A 320 -8.02 -3.93 11.19
N ASP A 321 -9.19 -3.83 10.57
CA ASP A 321 -10.22 -2.94 11.10
C ASP A 321 -10.44 -3.27 12.55
N PHE A 322 -10.66 -4.55 12.80
CA PHE A 322 -10.95 -4.99 14.15
C PHE A 322 -9.78 -4.70 15.08
N ILE A 323 -8.59 -5.09 14.68
CA ILE A 323 -7.44 -4.92 15.58
C ILE A 323 -7.20 -3.46 15.87
N THR A 324 -7.41 -2.61 14.85
CA THR A 324 -7.13 -1.20 15.04
C THR A 324 -8.02 -0.64 16.13
N ALA A 325 -9.33 -0.91 16.03
CA ALA A 325 -10.23 -0.30 17.03
C ALA A 325 -10.07 -1.00 18.37
N LEU A 326 -9.69 -2.27 18.34
CA LEU A 326 -9.50 -2.98 19.60
C LEU A 326 -8.29 -2.43 20.31
N LEU A 327 -7.27 -2.02 19.53
CA LEU A 327 -6.12 -1.40 20.15
C LEU A 327 -6.54 -0.07 20.78
N LYS A 328 -7.31 0.71 20.04
CA LYS A 328 -7.75 1.98 20.58
C LYS A 328 -8.53 1.75 21.87
N LYS A 329 -9.39 0.72 21.87
CA LYS A 329 -10.23 0.50 23.04
C LYS A 329 -9.38 0.04 24.21
N SER A 330 -8.37 -0.78 23.91
CA SER A 330 -7.45 -1.21 24.96
C SER A 330 -6.74 -0.02 25.56
N LEU A 331 -6.33 0.93 24.75
CA LEU A 331 -5.62 2.07 25.27
C LEU A 331 -6.54 3.03 26.00
N GLU A 332 -7.83 3.01 25.68
CA GLU A 332 -8.80 3.73 26.48
C GLU A 332 -8.91 3.12 27.87
N CYS A 333 -8.72 1.79 27.97
CA CYS A 333 -8.87 1.15 29.27
C CYS A 333 -7.68 1.43 30.18
N THR A 334 -6.48 1.49 29.61
CA THR A 334 -5.31 1.75 30.42
C THR A 334 -5.09 3.22 30.65
N GLY A 335 -5.73 4.06 29.84
CA GLY A 335 -5.58 5.50 29.95
C GLY A 335 -4.43 6.10 29.16
N THR A 336 -3.66 5.30 28.45
CA THR A 336 -2.46 5.79 27.79
C THR A 336 -2.75 6.36 26.41
N LEU A 337 -3.98 6.29 25.95
CA LEU A 337 -4.28 6.69 24.59
C LEU A 337 -3.95 8.14 24.32
N GLU A 338 -3.99 8.99 25.35
CA GLU A 338 -3.82 10.43 25.17
C GLU A 338 -2.38 10.83 24.83
N PHE A 339 -1.39 10.00 25.19
CA PHE A 339 0.00 10.38 25.00
C PHE A 339 0.41 10.36 23.53
N ARG A 340 1.24 11.33 23.16
CA ARG A 340 1.64 11.52 21.76
C ARG A 340 2.23 10.25 21.15
N GLY A 341 3.15 9.60 21.84
CA GLY A 341 3.81 8.44 21.26
C GLY A 341 2.87 7.26 21.06
N VAL A 342 1.88 7.12 21.95
CA VAL A 342 0.86 6.09 21.82
C VAL A 342 -0.03 6.41 20.64
N GLN A 343 -0.44 7.67 20.52
CA GLN A 343 -1.25 8.08 19.39
C GLN A 343 -0.54 7.83 18.07
N ALA A 344 0.77 8.08 18.02
CA ALA A 344 1.56 7.84 16.80
C ALA A 344 1.65 6.34 16.46
N ASP A 345 1.84 5.48 17.47
CA ASP A 345 1.84 4.05 17.21
C ASP A 345 0.48 3.58 16.68
N LEU A 346 -0.61 4.09 17.28
CA LEU A 346 -1.93 3.74 16.77
C LEU A 346 -2.12 4.25 15.35
N GLY A 347 -1.64 5.44 15.07
CA GLY A 347 -1.71 5.94 13.71
C GLY A 347 -0.97 5.09 12.69
N GLU A 348 0.15 4.51 13.09
CA GLU A 348 0.83 3.59 12.18
C GLU A 348 -0.03 2.35 11.93
N VAL A 349 -0.67 1.82 12.99
CA VAL A 349 -1.57 0.68 12.80
C VAL A 349 -2.68 1.05 11.80
N VAL A 350 -3.23 2.24 11.95
CA VAL A 350 -4.22 2.74 11.00
C VAL A 350 -3.66 2.74 9.59
N ALA A 351 -2.43 3.23 9.42
CA ALA A 351 -1.84 3.27 8.07
C ALA A 351 -1.71 1.87 7.46
N TRP A 352 -1.32 0.86 8.25
CA TRP A 352 -1.24 -0.49 7.68
C TRP A 352 -2.62 -1.02 7.30
N ARG A 353 -3.60 -0.78 8.19
CA ARG A 353 -4.99 -1.07 7.88
C ARG A 353 -5.41 -0.43 6.58
N ASN A 354 -5.11 0.88 6.40
CA ASN A 354 -5.48 1.57 5.18
C ASN A 354 -4.84 0.93 3.95
N THR A 355 -3.61 0.45 4.11
CA THR A 355 -2.81 -0.07 3.01
C THR A 355 -3.51 -1.24 2.36
N PHE A 356 -4.03 -2.18 3.17
CA PHE A 356 -4.64 -3.38 2.56
C PHE A 356 -5.98 -3.08 1.91
N TRP A 357 -6.76 -2.13 2.45
CA TRP A 357 -7.93 -1.66 1.72
C TRP A 357 -7.55 -1.01 0.40
N ALA A 358 -6.48 -0.21 0.39
CA ALA A 358 -6.06 0.46 -0.83
C ALA A 358 -5.55 -0.53 -1.88
N LEU A 359 -4.84 -1.55 -1.43
CA LEU A 359 -4.43 -2.59 -2.38
C LEU A 359 -5.64 -3.32 -2.97
N SER A 360 -6.67 -3.57 -2.17
CA SER A 360 -7.86 -4.17 -2.76
C SER A 360 -8.59 -3.23 -3.73
N ASP A 361 -8.58 -1.93 -3.47
CA ASP A 361 -9.09 -0.96 -4.44
C ASP A 361 -8.39 -1.11 -5.78
N SER A 362 -7.05 -1.19 -5.74
CA SER A 362 -6.23 -1.26 -6.93
C SER A 362 -6.39 -2.59 -7.66
N MET A 363 -6.51 -3.69 -6.90
CA MET A 363 -6.85 -4.98 -7.50
C MET A 363 -8.07 -4.87 -8.38
N CYS A 364 -9.12 -4.18 -7.89
CA CYS A 364 -10.36 -4.10 -8.68
C CYS A 364 -10.27 -3.07 -9.81
N SER A 365 -9.77 -1.86 -9.51
CA SER A 365 -9.83 -0.77 -10.45
C SER A 365 -8.92 -1.01 -11.64
N GLU A 366 -7.80 -1.69 -11.46
CA GLU A 366 -6.87 -1.98 -12.54
C GLU A 366 -7.02 -3.41 -13.09
N ALA A 367 -8.15 -4.03 -12.82
CA ALA A 367 -8.42 -5.38 -13.31
C ALA A 367 -8.31 -5.45 -14.83
N THR A 368 -7.86 -6.60 -15.32
CA THR A 368 -7.60 -6.77 -16.75
C THR A 368 -8.50 -7.85 -17.36
N PRO A 369 -8.88 -7.71 -18.63
CA PRO A 369 -9.61 -8.80 -19.28
C PRO A 369 -8.74 -10.03 -19.42
N TRP A 370 -9.36 -11.21 -19.19
CA TRP A 370 -8.64 -12.48 -19.20
C TRP A 370 -9.12 -13.31 -20.34
N VAL A 371 -9.96 -14.34 -20.13
CA VAL A 371 -10.48 -15.16 -21.22
C VAL A 371 -11.96 -15.30 -21.04
N ASN A 372 -12.68 -15.47 -22.16
CA ASN A 372 -14.10 -15.75 -22.12
C ASN A 372 -14.88 -14.65 -21.40
N GLY A 373 -14.38 -13.41 -21.49
CA GLY A 373 -15.04 -12.29 -20.85
C GLY A 373 -14.75 -12.11 -19.38
N ALA A 374 -13.99 -13.01 -18.78
CA ALA A 374 -13.64 -12.90 -17.38
C ALA A 374 -12.62 -11.79 -17.19
N TYR A 375 -12.60 -11.22 -15.97
CA TYR A 375 -11.59 -10.24 -15.56
C TYR A 375 -10.77 -10.78 -14.40
N LEU A 376 -9.51 -10.46 -14.38
CA LEU A 376 -8.64 -10.80 -13.24
C LEU A 376 -8.20 -9.53 -12.50
N PRO A 377 -8.09 -9.59 -11.18
CA PRO A 377 -7.62 -8.41 -10.43
C PRO A 377 -6.19 -8.06 -10.79
N ASP A 378 -5.84 -6.80 -10.54
CA ASP A 378 -4.47 -6.36 -10.81
C ASP A 378 -3.47 -7.28 -10.14
N HIS A 379 -2.48 -7.72 -10.90
CA HIS A 379 -1.61 -8.77 -10.42
C HIS A 379 -0.50 -8.22 -9.51
N ALA A 380 0.06 -7.07 -9.87
CA ALA A 380 1.04 -6.44 -9.00
C ALA A 380 0.49 -6.20 -7.60
N ALA A 381 -0.78 -5.78 -7.51
CA ALA A 381 -1.37 -5.56 -6.20
C ALA A 381 -1.44 -6.84 -5.40
N LEU A 382 -1.78 -7.97 -6.04
CA LEU A 382 -1.83 -9.23 -5.30
C LEU A 382 -0.47 -9.58 -4.73
N GLN A 383 0.57 -9.44 -5.55
CA GLN A 383 1.92 -9.75 -5.11
C GLN A 383 2.36 -8.84 -3.96
N THR A 384 1.96 -7.56 -4.02
CA THR A 384 2.35 -6.59 -3.01
C THR A 384 1.68 -6.89 -1.69
N TYR A 385 0.39 -7.24 -1.73
CA TYR A 385 -0.32 -7.70 -0.55
C TYR A 385 0.46 -8.83 0.10
N ARG A 386 0.90 -9.81 -0.69
CA ARG A 386 1.55 -10.98 -0.11
C ARG A 386 2.87 -10.60 0.54
N VAL A 387 3.62 -9.68 -0.05
CA VAL A 387 4.89 -9.29 0.55
C VAL A 387 4.67 -8.45 1.81
N LEU A 388 3.70 -7.55 1.78
CA LEU A 388 3.55 -6.60 2.87
C LEU A 388 2.83 -7.17 4.08
N ALA A 389 1.90 -8.12 3.89
CA ALA A 389 1.10 -8.59 5.02
C ALA A 389 1.92 -9.17 6.15
N PRO A 390 2.95 -9.99 5.92
CA PRO A 390 3.71 -10.52 7.07
C PRO A 390 4.43 -9.44 7.84
N MET A 391 4.99 -8.45 7.13
CA MET A 391 5.67 -7.35 7.79
C MET A 391 4.71 -6.54 8.63
N ALA A 392 3.58 -6.17 8.02
CA ALA A 392 2.59 -5.38 8.72
C ALA A 392 2.06 -6.09 9.95
N TYR A 393 1.78 -7.38 9.82
CA TYR A 393 1.18 -8.09 10.94
C TYR A 393 2.14 -8.18 12.11
N ALA A 394 3.39 -8.55 11.84
CA ALA A 394 4.37 -8.61 12.91
C ALA A 394 4.58 -7.23 13.55
N LYS A 395 4.60 -6.18 12.74
CA LYS A 395 4.80 -4.84 13.28
C LYS A 395 3.62 -4.40 14.14
N ILE A 396 2.40 -4.72 13.73
CA ILE A 396 1.21 -4.35 14.49
C ILE A 396 1.22 -5.09 15.80
N LYS A 397 1.54 -6.38 15.77
CA LYS A 397 1.57 -7.15 16.99
C LYS A 397 2.59 -6.56 17.96
N ASN A 398 3.77 -6.20 17.46
CA ASN A 398 4.76 -5.60 18.34
C ASN A 398 4.28 -4.26 18.89
N ILE A 399 3.61 -3.45 18.07
CA ILE A 399 3.06 -2.18 18.55
C ILE A 399 2.07 -2.42 19.68
N ILE A 400 1.18 -3.39 19.51
CA ILE A 400 0.20 -3.68 20.55
C ILE A 400 0.91 -4.04 21.83
N GLU A 401 1.85 -4.99 21.74
CA GLU A 401 2.48 -5.52 22.93
C GLU A 401 3.32 -4.48 23.64
N ARG A 402 3.91 -3.52 22.93
CA ARG A 402 4.69 -2.50 23.61
C ARG A 402 3.84 -1.33 24.08
N ASN A 403 2.57 -1.26 23.72
CA ASN A 403 1.73 -0.19 24.24
C ASN A 403 0.67 -0.60 25.27
N VAL A 404 0.12 -1.82 25.23
CA VAL A 404 -0.94 -2.19 26.15
C VAL A 404 -0.42 -2.98 27.33
N THR A 405 0.88 -3.04 27.47
CA THR A 405 1.61 -4.17 27.97
C THR A 405 1.05 -4.74 29.23
N SER A 406 1.18 -3.98 30.33
CA SER A 406 0.82 -4.47 31.65
C SER A 406 -0.65 -4.84 31.69
N GLY A 407 -1.49 -4.07 31.01
CA GLY A 407 -2.89 -4.39 30.83
C GLY A 407 -3.17 -5.85 30.53
N LEU A 408 -2.26 -6.52 29.81
CA LEU A 408 -2.52 -7.87 29.31
C LEU A 408 -2.00 -8.99 30.21
N ILE A 409 -1.16 -8.67 31.19
CA ILE A 409 -0.33 -9.66 31.88
C ILE A 409 -1.07 -10.35 33.00
N TYR A 410 -1.84 -9.57 33.76
CA TYR A 410 -2.22 -9.92 35.11
C TYR A 410 -3.71 -10.20 35.30
N LEU A 411 -4.58 -9.70 34.38
CA LEU A 411 -5.96 -10.11 34.16
C LEU A 411 -6.28 -11.31 35.05
N PRO A 412 -7.36 -11.25 35.85
CA PRO A 412 -7.73 -12.42 36.65
C PRO A 412 -7.95 -13.59 35.72
N SER A 413 -7.81 -14.78 36.27
CA SER A 413 -7.82 -16.00 35.49
C SER A 413 -9.13 -16.28 34.75
N SER A 414 -10.26 -15.74 35.21
CA SER A 414 -11.54 -16.36 34.83
C SER A 414 -12.71 -15.45 35.14
N ALA A 415 -13.76 -15.57 34.31
CA ALA A 415 -15.06 -15.02 34.67
C ALA A 415 -15.49 -15.52 36.04
N ARG A 416 -15.10 -16.75 36.40
CA ARG A 416 -15.35 -17.25 37.75
C ARG A 416 -14.79 -16.34 38.84
N ASP A 417 -13.67 -15.65 38.58
CA ASP A 417 -13.20 -14.70 39.62
C ASP A 417 -14.20 -13.56 39.80
N LEU A 418 -14.83 -13.12 38.71
CA LEU A 418 -15.75 -11.99 38.78
C LEU A 418 -17.07 -12.37 39.45
N ASN A 419 -17.44 -13.64 39.38
CA ASN A 419 -18.70 -14.16 39.89
C ASN A 419 -18.56 -14.70 41.31
N ASN A 420 -17.36 -14.60 41.91
CA ASN A 420 -17.13 -14.90 43.32
C ASN A 420 -16.92 -13.60 44.05
N PRO A 421 -17.89 -13.12 44.84
CA PRO A 421 -17.77 -11.75 45.39
C PRO A 421 -16.58 -11.58 46.32
N GLN A 422 -16.04 -12.69 46.85
CA GLN A 422 -14.86 -12.63 47.72
C GLN A 422 -13.63 -12.15 46.95
N ILE A 423 -13.57 -12.43 45.65
CA ILE A 423 -12.53 -11.95 44.74
C ILE A 423 -12.95 -10.66 44.09
N ASP A 424 -14.20 -10.65 43.60
CA ASP A 424 -14.66 -9.54 42.82
C ASP A 424 -14.60 -8.25 43.59
N GLN A 425 -14.75 -8.32 44.91
CA GLN A 425 -14.68 -7.07 45.67
C GLN A 425 -13.34 -6.37 45.42
N TYR A 426 -12.27 -7.17 45.28
CA TYR A 426 -10.95 -6.59 45.06
C TYR A 426 -10.78 -6.19 43.60
N LEU A 427 -11.25 -7.04 42.68
CA LEU A 427 -11.19 -6.67 41.26
C LEU A 427 -11.91 -5.36 40.98
N ALA A 428 -13.09 -5.16 41.59
CA ALA A 428 -13.85 -3.95 41.29
C ALA A 428 -13.10 -2.72 41.76
N LYS A 429 -12.25 -2.89 42.75
CA LYS A 429 -11.56 -1.75 43.33
C LYS A 429 -10.24 -1.48 42.62
N TYR A 430 -9.49 -2.53 42.29
CA TYR A 430 -8.11 -2.39 41.83
C TYR A 430 -7.90 -2.64 40.34
N VAL A 431 -8.93 -3.00 39.58
CA VAL A 431 -8.74 -3.33 38.17
C VAL A 431 -9.79 -2.59 37.35
N ARG A 432 -10.05 -1.35 37.72
CA ARG A 432 -10.99 -0.52 37.01
C ARG A 432 -10.37 -0.04 35.70
N GLY A 433 -11.25 0.34 34.76
CA GLY A 433 -10.81 1.03 33.58
C GLY A 433 -10.48 2.47 33.88
N SER A 434 -9.51 3.01 33.15
CA SER A 434 -8.97 4.32 33.48
C SER A 434 -9.82 5.46 32.92
N ASN A 435 -10.94 5.14 32.25
CA ASN A 435 -11.85 6.17 31.74
C ASN A 435 -13.28 6.01 32.27
N GLY A 436 -13.43 5.93 33.59
CA GLY A 436 -14.76 5.74 34.16
C GLY A 436 -15.45 4.48 33.67
N MET A 437 -14.70 3.41 33.46
CA MET A 437 -15.20 2.14 32.93
C MET A 437 -15.02 1.12 34.03
N ASP A 438 -15.98 0.22 34.15
CA ASP A 438 -15.95 -0.70 35.27
C ASP A 438 -15.01 -1.86 34.97
N HIS A 439 -14.62 -2.56 36.02
CA HIS A 439 -13.60 -3.59 35.90
C HIS A 439 -14.04 -4.72 34.98
N VAL A 440 -15.35 -4.98 34.90
CA VAL A 440 -15.82 -6.09 34.08
C VAL A 440 -15.55 -5.82 32.60
N GLN A 441 -15.84 -4.60 32.16
CA GLN A 441 -15.61 -4.16 30.79
C GLN A 441 -14.12 -4.04 30.50
N ARG A 442 -13.34 -3.48 31.43
CA ARG A 442 -11.90 -3.38 31.22
C ARG A 442 -11.29 -4.76 31.01
N ILE A 443 -11.57 -5.68 31.93
CA ILE A 443 -11.04 -7.03 31.80
C ILE A 443 -11.54 -7.66 30.51
N LYS A 444 -12.78 -7.36 30.13
CA LYS A 444 -13.35 -7.96 28.93
C LYS A 444 -12.60 -7.54 27.68
N ILE A 445 -12.41 -6.24 27.51
CA ILE A 445 -11.71 -5.68 26.36
C ILE A 445 -10.29 -6.24 26.29
N LEU A 446 -9.56 -6.23 27.41
CA LEU A 446 -8.17 -6.66 27.38
C LEU A 446 -8.03 -8.15 27.18
N LYS A 447 -8.98 -8.95 27.68
CA LYS A 447 -8.95 -10.37 27.37
C LYS A 447 -9.25 -10.63 25.89
N LEU A 448 -10.10 -9.80 25.28
CA LEU A 448 -10.33 -9.92 23.84
C LEU A 448 -9.03 -9.64 23.07
N MET A 449 -8.32 -8.56 23.44
CA MET A 449 -7.03 -8.26 22.81
C MET A 449 -6.04 -9.39 23.02
N TRP A 450 -5.99 -9.95 24.23
CA TRP A 450 -5.06 -11.04 24.49
C TRP A 450 -5.39 -12.25 23.63
N ASP A 451 -6.67 -12.58 23.51
CA ASP A 451 -7.01 -13.74 22.69
C ASP A 451 -6.67 -13.48 21.23
N ALA A 452 -6.71 -12.21 20.81
CA ALA A 452 -6.34 -11.85 19.45
C ALA A 452 -4.85 -12.04 19.19
N ILE A 453 -3.99 -11.79 20.19
CA ILE A 453 -2.54 -11.85 19.92
C ILE A 453 -1.67 -12.77 20.76
N GLY A 454 -2.06 -13.06 22.00
CA GLY A 454 -1.20 -13.82 22.90
C GLY A 454 -1.62 -15.23 23.30
N SER A 455 -2.92 -15.49 23.30
CA SER A 455 -3.39 -16.85 23.45
C SER A 455 -2.77 -17.73 22.36
N GLU A 456 -2.91 -19.04 22.55
CA GLU A 456 -2.39 -19.97 21.56
C GLU A 456 -3.06 -19.77 20.22
N PHE A 457 -4.36 -19.42 20.23
CA PHE A 457 -5.05 -19.01 19.02
C PHE A 457 -4.38 -17.79 18.41
N GLY A 458 -4.05 -16.80 19.24
CA GLY A 458 -3.35 -15.62 18.74
C GLY A 458 -2.01 -15.95 18.15
N GLY A 459 -1.25 -16.82 18.81
CA GLY A 459 0.07 -17.20 18.30
C GLY A 459 -0.02 -17.96 17.00
N ARG A 460 -1.00 -18.85 16.88
CA ARG A 460 -1.25 -19.52 15.61
C ARG A 460 -1.65 -18.50 14.52
N HIS A 461 -2.46 -17.52 14.86
CA HIS A 461 -2.81 -16.55 13.83
C HIS A 461 -1.60 -15.73 13.40
N GLU A 462 -0.68 -15.41 14.32
CA GLU A 462 0.52 -14.70 13.89
C GLU A 462 1.33 -15.54 12.91
N LEU A 463 1.55 -16.80 13.26
CA LEU A 463 2.25 -17.73 12.38
C LEU A 463 1.55 -17.87 11.03
N TYR A 464 0.22 -17.93 11.06
CA TYR A 464 -0.56 -18.02 9.83
C TYR A 464 -0.36 -16.78 8.97
N GLU A 465 -0.54 -15.59 9.56
CA GLU A 465 -0.41 -14.39 8.72
C GLU A 465 1.00 -14.24 8.19
N ILE A 466 2.02 -14.63 8.95
CA ILE A 466 3.38 -14.43 8.49
C ILE A 466 3.73 -15.41 7.37
N ASN A 467 3.34 -16.66 7.53
CA ASN A 467 3.81 -17.79 6.73
C ASN A 467 2.59 -18.36 6.17
N TYR A 468 2.56 -18.85 4.94
CA TYR A 468 1.25 -18.78 4.31
C TYR A 468 1.63 -18.21 3.03
N SER A 469 1.00 -18.46 1.93
CA SER A 469 1.52 -17.63 0.84
C SER A 469 2.97 -18.02 0.55
N GLY A 470 3.74 -18.41 1.59
CA GLY A 470 5.05 -19.01 1.44
C GLY A 470 6.11 -18.34 2.27
N SER A 471 7.35 -18.76 2.06
CA SER A 471 8.47 -18.17 2.76
C SER A 471 8.69 -16.73 2.32
N GLN A 472 9.43 -15.98 3.14
CA GLN A 472 9.63 -14.56 2.88
C GLN A 472 10.41 -14.34 1.59
N ASP A 473 11.41 -15.19 1.35
CA ASP A 473 12.15 -15.18 0.09
C ASP A 473 11.23 -15.41 -1.07
N GLU A 474 10.37 -16.41 -0.97
CA GLU A 474 9.57 -16.83 -2.11
C GLU A 474 8.54 -15.76 -2.48
N ILE A 475 7.86 -15.14 -1.50
CA ILE A 475 6.87 -14.13 -1.86
C ILE A 475 7.57 -12.94 -2.51
N ARG A 476 8.79 -12.66 -2.08
CA ARG A 476 9.54 -11.60 -2.74
C ARG A 476 9.95 -12.01 -4.16
N LEU A 477 10.38 -13.26 -4.34
CA LEU A 477 10.75 -13.72 -5.68
C LEU A 477 9.57 -13.69 -6.64
N GLN A 478 8.41 -14.11 -6.19
CA GLN A 478 7.22 -14.05 -7.03
C GLN A 478 6.84 -12.61 -7.37
N CYS A 479 7.06 -11.69 -6.46
CA CYS A 479 6.81 -10.29 -6.77
C CYS A 479 7.77 -9.79 -7.85
N LEU A 480 9.05 -10.14 -7.74
CA LEU A 480 9.99 -9.77 -8.78
C LEU A 480 9.62 -10.40 -10.12
N ARG A 481 9.22 -11.67 -10.10
CA ARG A 481 8.91 -12.35 -11.35
C ARG A 481 7.70 -11.73 -12.00
N GLN A 482 6.68 -11.38 -11.22
CA GLN A 482 5.54 -10.68 -11.79
C GLN A 482 5.99 -9.40 -12.46
N ALA A 483 6.88 -8.65 -11.82
CA ALA A 483 7.34 -7.41 -12.45
C ALA A 483 8.02 -7.69 -13.79
N GLN A 484 8.81 -8.77 -13.85
CA GLN A 484 9.58 -9.06 -15.06
C GLN A 484 8.68 -9.63 -16.16
N ASN A 485 7.83 -10.59 -15.83
CA ASN A 485 7.04 -11.27 -16.83
C ASN A 485 5.96 -10.38 -17.39
N SER A 486 5.48 -9.43 -16.59
CA SER A 486 4.46 -8.51 -17.04
C SER A 486 5.01 -7.47 -18.01
N GLY A 487 6.32 -7.35 -18.12
CA GLY A 487 6.94 -6.24 -18.80
C GLY A 487 7.14 -4.98 -17.98
N ASN A 488 6.67 -4.93 -16.73
CA ASN A 488 6.89 -3.74 -15.89
C ASN A 488 8.38 -3.44 -15.71
N MET A 489 9.21 -4.45 -15.44
CA MET A 489 10.62 -4.20 -15.16
C MET A 489 11.32 -3.65 -16.41
N ASP A 490 10.96 -4.15 -17.59
CA ASP A 490 11.56 -3.60 -18.81
C ASP A 490 11.17 -2.15 -19.05
N LYS A 491 9.92 -1.76 -18.70
CA LYS A 491 9.56 -0.34 -18.79
C LYS A 491 10.39 0.51 -17.85
N MET A 492 10.53 0.04 -16.59
CA MET A 492 11.35 0.78 -15.65
C MET A 492 12.77 0.91 -16.19
N MET A 493 13.28 -0.18 -16.73
CA MET A 493 14.64 -0.20 -17.26
C MET A 493 14.80 0.71 -18.50
N ALA A 494 13.76 0.80 -19.35
CA ALA A 494 13.81 1.75 -20.46
C ALA A 494 14.01 3.17 -19.93
N MET A 495 13.39 3.47 -18.78
CA MET A 495 13.62 4.80 -18.19
C MET A 495 15.09 4.96 -17.78
N VAL A 496 15.66 3.94 -17.14
CA VAL A 496 17.06 4.04 -16.72
C VAL A 496 17.98 4.21 -17.93
N ASP A 497 17.75 3.42 -18.98
CA ASP A 497 18.58 3.49 -20.18
C ASP A 497 18.45 4.84 -20.87
N ARG A 498 17.25 5.42 -20.88
CA ARG A 498 17.11 6.78 -21.37
C ARG A 498 17.99 7.72 -20.56
N CYS A 499 17.92 7.62 -19.23
CA CYS A 499 18.78 8.48 -18.41
C CYS A 499 20.24 8.36 -18.85
N LEU A 500 20.71 7.12 -18.98
CA LEU A 500 22.11 6.87 -19.29
C LEU A 500 22.48 7.36 -20.69
N SER A 501 21.53 7.33 -21.62
CA SER A 501 21.79 7.74 -22.99
C SER A 501 22.07 9.22 -23.11
N GLU A 502 21.76 10.02 -22.09
CA GLU A 502 21.80 11.47 -22.22
C GLU A 502 23.14 12.06 -21.86
N TYR A 503 24.15 11.23 -21.60
CA TYR A 503 25.49 11.72 -21.30
C TYR A 503 26.45 10.59 -21.58
N ASP A 504 27.74 10.93 -21.60
CA ASP A 504 28.79 9.93 -21.75
C ASP A 504 30.05 10.48 -21.09
N GLN A 505 31.16 9.79 -21.28
CA GLN A 505 32.39 10.21 -20.61
C GLN A 505 32.91 11.58 -21.07
N ASP A 506 32.35 12.13 -22.15
CA ASP A 506 32.77 13.45 -22.62
C ASP A 506 31.82 14.58 -22.27
N GLY A 507 30.60 14.27 -21.83
CA GLY A 507 29.67 15.29 -21.36
C GLY A 507 28.26 14.90 -21.75
N TRP A 508 27.40 15.91 -21.77
CA TRP A 508 26.02 15.73 -22.20
C TRP A 508 25.95 15.30 -23.65
N THR A 509 24.92 14.50 -23.98
CA THR A 509 24.60 14.16 -25.35
C THR A 509 23.30 14.80 -25.82
N VAL A 510 22.73 15.71 -25.03
CA VAL A 510 21.46 16.35 -25.34
C VAL A 510 21.74 17.84 -25.32
N PRO A 511 21.04 18.63 -26.13
CA PRO A 511 21.41 20.05 -26.26
C PRO A 511 20.95 20.97 -25.16
N HIS A 512 19.91 20.62 -24.38
CA HIS A 512 19.33 21.61 -23.48
C HIS A 512 20.16 21.88 -22.24
N LEU A 513 21.19 21.07 -21.97
CA LEU A 513 22.00 21.22 -20.77
C LEU A 513 23.38 21.82 -21.09
N HIS A 514 23.89 22.56 -20.12
CA HIS A 514 25.16 23.26 -20.25
C HIS A 514 26.34 22.33 -19.94
N ASN A 515 27.23 22.20 -20.92
CA ASN A 515 28.60 21.72 -20.72
C ASN A 515 29.26 22.42 -19.53
N ASN A 516 30.00 21.66 -18.75
CA ASN A 516 30.66 22.26 -17.58
C ASN A 516 32.08 22.74 -17.87
N ASP A 517 32.55 22.60 -19.12
CA ASP A 517 33.93 22.98 -19.46
C ASP A 517 34.23 24.39 -19.01
N ASP A 518 33.23 25.27 -19.03
CA ASP A 518 33.40 26.66 -18.63
C ASP A 518 33.49 26.86 -17.12
N ILE A 519 33.14 25.86 -16.33
CA ILE A 519 33.20 26.00 -14.88
C ILE A 519 34.08 24.95 -14.24
N ASN A 520 34.57 23.99 -15.00
CA ASN A 520 35.38 22.92 -14.43
C ASN A 520 36.71 23.51 -13.95
N MET A 521 37.01 23.34 -12.68
CA MET A 521 38.19 23.88 -12.05
C MET A 521 39.29 22.85 -11.85
N LEU A 522 39.19 21.67 -12.45
CA LEU A 522 40.13 20.61 -12.08
C LEU A 522 41.54 20.87 -12.62
N ASP A 523 41.65 21.42 -13.83
CA ASP A 523 42.98 21.65 -14.42
C ASP A 523 43.85 22.54 -13.52
N LYS A 524 43.35 23.76 -13.35
CA LYS A 524 43.77 24.62 -12.29
C LYS A 524 44.10 24.00 -10.95
N LEU A 525 43.32 23.05 -10.47
CA LEU A 525 43.65 22.48 -9.17
C LEU A 525 44.82 21.53 -9.25
N LEU A 526 45.03 20.90 -10.41
CA LEU A 526 45.91 19.74 -10.49
C LEU A 526 47.14 19.90 -11.37
N LYS A 527 47.45 21.09 -11.85
CA LYS A 527 48.56 21.21 -12.78
C LYS A 527 49.76 21.91 -12.17
N LYS B 9 2.73 39.73 -15.37
CA LYS B 9 3.84 40.12 -16.22
C LYS B 9 4.76 38.95 -16.63
N PRO B 10 5.06 37.98 -15.74
CA PRO B 10 5.88 36.85 -16.23
C PRO B 10 5.23 36.11 -17.38
N GLU B 11 3.92 35.89 -17.34
CA GLU B 11 3.27 35.22 -18.46
C GLU B 11 3.31 36.07 -19.74
N ASP B 12 3.55 37.37 -19.63
CA ASP B 12 3.67 38.21 -20.82
C ASP B 12 4.89 37.86 -21.64
N PHE B 13 5.79 37.03 -21.12
CA PHE B 13 6.85 36.53 -21.98
C PHE B 13 6.35 35.52 -23.00
N ARG B 14 5.12 35.03 -22.88
CA ARG B 14 4.58 34.10 -23.86
C ARG B 14 4.22 34.81 -25.16
N ALA B 15 4.53 34.20 -26.29
CA ALA B 15 4.03 34.63 -27.59
C ALA B 15 2.56 34.27 -27.82
N SER B 16 1.88 33.68 -26.85
CA SER B 16 0.51 33.25 -27.03
C SER B 16 -0.15 33.14 -25.67
N THR B 17 -1.38 33.63 -25.55
CA THR B 17 -2.11 33.50 -24.30
C THR B 17 -2.98 32.25 -24.25
N GLN B 18 -2.91 31.42 -25.29
CA GLN B 18 -3.71 30.21 -25.40
C GLN B 18 -2.91 28.95 -25.11
N ARG B 19 -1.77 29.08 -24.42
CA ARG B 19 -0.97 27.94 -24.00
C ARG B 19 -0.06 28.39 -22.88
N PRO B 20 0.48 27.47 -22.08
CA PRO B 20 1.47 27.86 -21.08
C PRO B 20 2.80 28.19 -21.75
N PHE B 21 3.72 28.66 -20.91
CA PHE B 21 5.11 28.91 -21.34
C PHE B 21 5.65 27.80 -22.20
N THR B 22 6.45 28.16 -23.21
CA THR B 22 7.42 27.24 -23.75
C THR B 22 8.64 27.29 -22.82
N GLY B 23 9.58 26.36 -23.00
CA GLY B 23 10.76 26.38 -22.14
C GLY B 23 11.55 27.68 -22.27
N GLU B 24 11.84 28.08 -23.52
CA GLU B 24 12.55 29.35 -23.75
C GLU B 24 11.83 30.53 -23.12
N GLU B 25 10.50 30.58 -23.20
CA GLU B 25 9.78 31.69 -22.60
C GLU B 25 9.86 31.65 -21.07
N TYR B 26 9.80 30.43 -20.50
CA TYR B 26 10.00 30.28 -19.05
C TYR B 26 11.36 30.81 -18.61
N LEU B 27 12.42 30.38 -19.31
CA LEU B 27 13.76 30.83 -18.95
C LEU B 27 13.85 32.36 -19.03
N LYS B 28 13.35 32.97 -20.13
CA LYS B 28 13.37 34.42 -20.23
C LYS B 28 12.60 35.06 -19.07
N SER B 29 11.49 34.46 -18.65
CA SER B 29 10.70 35.06 -17.59
C SER B 29 11.44 35.05 -16.26
N LEU B 30 12.49 34.25 -16.15
CA LEU B 30 13.26 34.25 -14.90
C LEU B 30 14.33 35.36 -14.81
N GLN B 31 14.65 36.02 -15.92
CA GLN B 31 15.71 37.03 -15.98
C GLN B 31 15.12 38.37 -15.52
N ASP B 32 14.88 38.48 -14.23
CA ASP B 32 14.05 39.55 -13.67
C ASP B 32 14.68 40.19 -12.44
N GLY B 33 15.98 39.99 -12.23
CA GLY B 33 16.65 40.61 -11.09
C GLY B 33 16.12 40.20 -9.73
N ARG B 34 15.54 39.01 -9.64
CA ARG B 34 15.33 38.40 -8.33
C ARG B 34 16.61 38.49 -7.52
N GLU B 35 16.46 38.69 -6.23
CA GLU B 35 17.59 38.81 -5.34
C GLU B 35 17.87 37.46 -4.69
N ILE B 36 18.85 36.75 -5.24
CA ILE B 36 19.28 35.43 -4.77
C ILE B 36 20.76 35.50 -4.40
N TYR B 37 21.09 34.98 -3.23
CA TYR B 37 22.48 34.84 -2.80
C TYR B 37 22.88 33.37 -2.73
N ILE B 38 24.14 33.12 -3.06
CA ILE B 38 24.78 31.83 -2.80
C ILE B 38 26.29 32.07 -2.67
N TYR B 39 26.92 31.36 -1.73
CA TYR B 39 28.36 31.50 -1.49
C TYR B 39 28.74 32.96 -1.25
N GLY B 40 27.95 33.66 -0.44
CA GLY B 40 28.20 35.04 -0.09
C GLY B 40 28.04 36.05 -1.20
N GLU B 41 27.65 35.63 -2.41
CA GLU B 41 27.58 36.47 -3.58
C GLU B 41 26.16 36.50 -4.14
N ARG B 42 25.82 37.60 -4.81
CA ARG B 42 24.53 37.73 -5.43
C ARG B 42 24.53 37.07 -6.80
N VAL B 43 23.40 36.43 -7.12
CA VAL B 43 23.25 35.72 -8.39
C VAL B 43 22.75 36.72 -9.42
N LYS B 44 23.43 36.78 -10.56
CA LYS B 44 23.03 37.77 -11.57
C LYS B 44 21.83 37.27 -12.36
N ASP B 45 21.89 36.01 -12.84
CA ASP B 45 20.86 35.45 -13.72
C ASP B 45 20.81 33.95 -13.47
N VAL B 46 19.73 33.47 -12.83
CA VAL B 46 19.65 32.05 -12.50
C VAL B 46 19.72 31.16 -13.73
N THR B 47 19.35 31.67 -14.90
CA THR B 47 19.40 30.83 -16.10
C THR B 47 20.81 30.65 -16.63
N THR B 48 21.77 31.45 -16.18
CA THR B 48 23.15 31.29 -16.61
C THR B 48 24.10 30.97 -15.46
N HIS B 49 23.67 31.17 -14.22
CA HIS B 49 24.54 30.98 -13.07
C HIS B 49 24.93 29.52 -12.91
N PRO B 50 26.17 29.23 -12.46
CA PRO B 50 26.64 27.83 -12.47
C PRO B 50 25.96 26.94 -11.43
N ALA B 51 25.30 27.54 -10.44
CA ALA B 51 24.55 26.83 -9.44
C ALA B 51 23.11 26.48 -9.85
N PHE B 52 22.56 27.12 -10.88
CA PHE B 52 21.14 27.00 -11.18
C PHE B 52 20.79 26.72 -12.63
N ARG B 53 21.71 26.90 -13.56
CA ARG B 53 21.35 26.95 -14.98
C ARG B 53 20.82 25.61 -15.48
N ASN B 54 21.37 24.51 -14.97
CA ASN B 54 20.92 23.23 -15.52
C ASN B 54 19.58 22.83 -14.92
N ALA B 55 19.37 23.07 -13.63
CA ALA B 55 18.07 22.84 -13.02
C ALA B 55 16.99 23.64 -13.75
N ALA B 56 17.29 24.89 -14.06
CA ALA B 56 16.37 25.72 -14.85
C ALA B 56 16.12 25.08 -16.20
N ALA B 57 17.19 24.61 -16.85
CA ALA B 57 17.00 23.95 -18.14
C ALA B 57 16.09 22.74 -18.01
N SER B 58 16.20 22.02 -16.90
CA SER B 58 15.41 20.80 -16.72
C SER B 58 13.93 21.10 -16.54
N VAL B 59 13.59 22.12 -15.74
CA VAL B 59 12.19 22.53 -15.65
C VAL B 59 11.67 23.02 -17.00
N ALA B 60 12.52 23.77 -17.73
CA ALA B 60 12.13 24.29 -19.03
C ALA B 60 11.74 23.15 -19.96
N GLN B 61 12.41 22.00 -19.84
CA GLN B 61 12.00 20.87 -20.65
C GLN B 61 10.57 20.43 -20.35
N LEU B 62 10.15 20.59 -19.10
CA LEU B 62 8.78 20.22 -18.75
C LEU B 62 7.81 21.10 -19.52
N TYR B 63 8.08 22.41 -19.51
CA TYR B 63 7.21 23.32 -20.29
C TYR B 63 7.24 22.96 -21.78
N ASP B 64 8.42 22.61 -22.31
CA ASP B 64 8.46 22.25 -23.73
C ASP B 64 7.58 21.04 -24.03
N ALA B 65 7.52 20.08 -23.11
CA ALA B 65 6.76 18.85 -23.38
C ALA B 65 5.27 19.13 -23.62
N LEU B 66 4.73 20.19 -23.02
CA LEU B 66 3.32 20.51 -23.15
C LEU B 66 2.91 20.80 -24.60
N HIS B 67 3.86 21.14 -25.46
CA HIS B 67 3.59 21.62 -26.80
C HIS B 67 4.01 20.63 -27.88
N LYS B 68 4.58 19.50 -27.50
CA LYS B 68 4.86 18.44 -28.47
C LYS B 68 3.58 17.69 -28.79
N PRO B 69 3.18 17.60 -30.06
CA PRO B 69 1.88 16.96 -30.37
C PRO B 69 1.71 15.57 -29.74
N GLU B 70 2.76 14.75 -29.80
CA GLU B 70 2.68 13.39 -29.31
C GLU B 70 2.43 13.29 -27.80
N MET B 71 2.74 14.33 -27.05
CA MET B 71 2.51 14.33 -25.61
C MET B 71 1.14 14.86 -25.22
N GLN B 72 0.43 15.54 -26.13
CA GLN B 72 -0.63 16.40 -25.63
C GLN B 72 -1.82 15.59 -25.13
N ASP B 73 -2.04 14.42 -25.70
CA ASP B 73 -3.12 13.58 -25.21
C ASP B 73 -2.89 13.16 -23.76
N SER B 74 -1.64 12.89 -23.39
CA SER B 74 -1.44 12.42 -22.02
C SER B 74 -1.20 13.57 -21.04
N LEU B 75 -0.65 14.70 -21.52
CA LEU B 75 -0.26 15.79 -20.64
C LEU B 75 -1.28 16.91 -20.50
N CYS B 76 -2.15 17.12 -21.50
CA CYS B 76 -2.86 18.39 -21.62
C CYS B 76 -4.35 18.21 -21.79
N TRP B 77 -5.07 19.22 -21.27
CA TRP B 77 -6.49 19.40 -21.44
C TRP B 77 -6.76 20.81 -21.96
N ASN B 78 -7.93 20.99 -22.58
CA ASN B 78 -8.45 22.33 -22.75
C ASN B 78 -8.56 23.01 -21.38
N THR B 79 -8.34 24.31 -21.34
CA THR B 79 -8.67 25.05 -20.14
C THR B 79 -10.17 25.06 -19.91
N ASP B 80 -10.59 25.42 -18.70
CA ASP B 80 -12.01 25.57 -18.39
C ASP B 80 -12.41 27.04 -18.28
N THR B 81 -11.59 27.94 -18.79
CA THR B 81 -11.71 29.38 -18.57
C THR B 81 -12.40 30.12 -19.72
N GLY B 82 -12.58 29.47 -20.88
CA GLY B 82 -13.13 30.08 -22.05
C GLY B 82 -12.09 30.61 -22.99
N SER B 83 -10.81 30.49 -22.65
CA SER B 83 -9.75 31.12 -23.42
C SER B 83 -9.50 30.45 -24.76
N GLY B 84 -10.04 29.27 -24.98
CA GLY B 84 -9.63 28.53 -26.16
C GLY B 84 -8.26 27.90 -26.06
N GLY B 85 -7.62 27.95 -24.90
CA GLY B 85 -6.28 27.44 -24.73
C GLY B 85 -6.24 26.02 -24.17
N TYR B 86 -5.01 25.58 -23.87
CA TYR B 86 -4.80 24.28 -23.24
C TYR B 86 -3.78 24.44 -22.14
N THR B 87 -3.71 23.41 -21.27
CA THR B 87 -2.87 23.45 -20.09
C THR B 87 -2.60 22.02 -19.63
N HIS B 88 -1.65 21.89 -18.72
CA HIS B 88 -1.35 20.59 -18.16
C HIS B 88 -2.54 20.13 -17.31
N LYS B 89 -2.89 18.85 -17.42
CA LYS B 89 -4.17 18.42 -16.87
C LYS B 89 -4.31 18.70 -15.38
N PHE B 90 -3.21 18.64 -14.62
CA PHE B 90 -3.30 18.86 -13.17
C PHE B 90 -3.50 20.34 -12.80
N PHE B 91 -3.50 21.25 -13.77
CA PHE B 91 -3.70 22.68 -13.53
C PHE B 91 -5.16 23.14 -13.62
N ARG B 92 -6.06 22.21 -13.96
CA ARG B 92 -7.50 22.40 -14.07
C ARG B 92 -8.21 21.50 -13.08
N VAL B 93 -9.27 22.02 -12.46
CA VAL B 93 -9.99 21.29 -11.44
C VAL B 93 -10.59 19.99 -11.99
N ALA B 94 -10.46 18.92 -11.21
CA ALA B 94 -10.99 17.62 -11.60
C ALA B 94 -12.45 17.54 -11.19
N LYS B 95 -13.27 16.99 -12.09
CA LYS B 95 -14.70 16.88 -11.86
C LYS B 95 -15.17 15.42 -11.82
N SER B 96 -14.26 14.46 -11.66
CA SER B 96 -14.60 13.05 -11.58
C SER B 96 -13.38 12.24 -11.10
N ALA B 97 -13.64 10.98 -10.74
CA ALA B 97 -12.55 10.06 -10.44
C ALA B 97 -11.68 9.87 -11.67
N ASP B 98 -12.28 9.80 -12.84
CA ASP B 98 -11.46 9.59 -14.04
C ASP B 98 -10.62 10.81 -14.37
N ASP B 99 -11.12 12.03 -14.11
CA ASP B 99 -10.28 13.22 -14.27
C ASP B 99 -9.05 13.11 -13.36
N LEU B 100 -9.24 12.72 -12.11
CA LEU B 100 -8.09 12.50 -11.26
C LEU B 100 -7.15 11.43 -11.83
N ARG B 101 -7.68 10.36 -12.42
CA ARG B 101 -6.79 9.35 -12.97
C ARG B 101 -5.95 9.91 -14.12
N GLN B 102 -6.58 10.69 -15.00
CA GLN B 102 -5.84 11.31 -16.09
C GLN B 102 -4.80 12.31 -15.57
N GLN B 103 -5.14 13.03 -14.51
CA GLN B 103 -4.18 13.91 -13.87
C GLN B 103 -3.00 13.13 -13.32
N ARG B 104 -3.29 12.03 -12.62
CA ARG B 104 -2.27 11.10 -12.13
C ARG B 104 -1.30 10.72 -13.23
N ASP B 105 -1.84 10.37 -14.39
CA ASP B 105 -0.97 9.97 -15.52
C ASP B 105 -0.21 11.15 -16.12
N ALA B 106 -0.81 12.36 -16.12
CA ALA B 106 -0.10 13.53 -16.64
C ALA B 106 1.04 13.94 -15.72
N ILE B 107 0.80 13.86 -14.41
CA ILE B 107 1.86 14.05 -13.43
C ILE B 107 2.98 13.06 -13.68
N ALA B 108 2.63 11.77 -13.83
CA ALA B 108 3.67 10.75 -14.06
C ALA B 108 4.51 11.09 -15.29
N GLU B 109 3.87 11.50 -16.37
CA GLU B 109 4.62 11.79 -17.59
C GLU B 109 5.62 12.93 -17.36
N TRP B 110 5.21 13.97 -16.65
CA TRP B 110 6.16 15.03 -16.34
C TRP B 110 7.28 14.53 -15.44
N SER B 111 6.94 13.75 -14.43
CA SER B 111 7.95 13.27 -13.49
C SER B 111 9.00 12.41 -14.18
N ARG B 112 8.59 11.66 -15.20
CA ARG B 112 9.56 10.83 -15.91
C ARG B 112 10.63 11.66 -16.60
N LEU B 113 10.36 12.94 -16.89
CA LEU B 113 11.36 13.78 -17.53
C LEU B 113 12.48 14.12 -16.56
N SER B 114 12.29 13.95 -15.25
CA SER B 114 13.40 14.06 -14.32
C SER B 114 13.68 12.73 -13.61
N TYR B 115 13.16 11.64 -14.14
CA TYR B 115 13.36 10.31 -13.56
C TYR B 115 12.97 10.26 -12.09
N GLY B 116 11.99 11.08 -11.70
CA GLY B 116 11.47 11.16 -10.35
C GLY B 116 12.24 12.01 -9.37
N TRP B 117 13.29 12.72 -9.84
CA TRP B 117 14.18 13.40 -8.92
C TRP B 117 13.80 14.83 -8.60
N MET B 118 13.07 15.52 -9.45
CA MET B 118 12.64 16.85 -9.09
C MET B 118 11.27 16.73 -8.45
N GLY B 119 11.19 17.05 -7.19
CA GLY B 119 9.96 16.83 -6.47
C GLY B 119 9.12 18.09 -6.34
N ARG B 120 9.64 19.22 -6.75
CA ARG B 120 8.93 20.47 -6.57
C ARG B 120 8.73 21.17 -7.89
N THR B 121 8.39 20.42 -8.92
CA THR B 121 8.10 20.97 -10.23
C THR B 121 6.77 21.72 -10.22
N PRO B 122 6.43 22.40 -11.34
CA PRO B 122 5.24 23.28 -11.31
C PRO B 122 3.94 22.59 -10.98
N ASP B 123 3.80 21.31 -11.30
CA ASP B 123 2.57 20.59 -11.00
C ASP B 123 2.32 20.39 -9.51
N TYR B 124 3.32 20.52 -8.65
CA TYR B 124 3.05 20.39 -7.22
C TYR B 124 2.08 21.48 -6.75
N LYS B 125 2.35 22.73 -7.10
CA LYS B 125 1.46 23.81 -6.68
C LYS B 125 0.32 24.04 -7.66
N ALA B 126 0.32 23.37 -8.81
CA ALA B 126 -0.89 23.32 -9.62
C ALA B 126 -2.08 22.93 -8.75
N ALA B 127 -1.85 22.11 -7.71
CA ALA B 127 -2.96 21.71 -6.85
C ALA B 127 -3.44 22.86 -6.00
N PHE B 128 -2.54 23.79 -5.66
CA PHE B 128 -2.97 25.00 -4.96
C PHE B 128 -3.82 25.88 -5.86
N GLY B 129 -3.39 26.05 -7.11
CA GLY B 129 -4.25 26.70 -8.08
C GLY B 129 -5.64 26.09 -8.11
N CYS B 130 -5.71 24.77 -8.24
CA CYS B 130 -6.99 24.09 -8.34
C CYS B 130 -7.79 24.22 -7.06
N ALA B 131 -7.13 24.18 -5.92
CA ALA B 131 -7.87 24.34 -4.67
C ALA B 131 -8.52 25.71 -4.63
N LEU B 132 -7.82 26.73 -5.14
CA LEU B 132 -8.39 28.09 -5.19
C LEU B 132 -9.61 28.12 -6.13
N GLY B 133 -9.47 27.49 -7.30
CA GLY B 133 -10.54 27.50 -8.28
C GLY B 133 -11.75 26.68 -7.89
N ALA B 134 -11.56 25.66 -7.07
CA ALA B 134 -12.65 24.77 -6.67
C ALA B 134 -13.45 25.31 -5.49
N ASN B 135 -12.79 26.01 -4.57
CA ASN B 135 -13.46 26.50 -3.36
C ASN B 135 -13.17 27.98 -3.08
N PRO B 136 -13.36 28.84 -4.09
CA PRO B 136 -13.04 30.26 -3.87
C PRO B 136 -13.87 30.88 -2.77
N GLY B 137 -15.10 30.42 -2.61
CA GLY B 137 -15.98 30.88 -1.57
C GLY B 137 -15.38 30.79 -0.19
N PHE B 138 -14.39 29.90 0.00
CA PHE B 138 -13.78 29.77 1.31
C PHE B 138 -13.22 31.10 1.82
N TYR B 139 -12.78 31.95 0.90
CA TYR B 139 -11.91 33.08 1.22
C TYR B 139 -12.67 34.39 1.50
N GLY B 140 -13.98 34.33 1.69
CA GLY B 140 -14.76 35.51 2.00
C GLY B 140 -14.50 36.65 1.04
N GLN B 141 -14.05 37.78 1.58
CA GLN B 141 -13.87 38.96 0.74
C GLN B 141 -12.78 38.76 -0.31
N PHE B 142 -11.91 37.75 -0.16
CA PHE B 142 -10.86 37.52 -1.15
C PHE B 142 -11.24 36.42 -2.15
N GLU B 143 -12.51 36.02 -2.16
CA GLU B 143 -12.98 35.01 -3.10
C GLU B 143 -12.54 35.34 -4.53
N GLN B 144 -12.67 36.59 -4.95
CA GLN B 144 -12.35 36.90 -6.33
C GLN B 144 -10.87 36.74 -6.61
N ASN B 145 -10.02 37.05 -5.64
CA ASN B 145 -8.59 36.78 -5.81
C ASN B 145 -8.33 35.28 -6.06
N ALA B 146 -8.98 34.43 -5.28
CA ALA B 146 -8.84 33.00 -5.52
C ALA B 146 -9.20 32.66 -6.96
N ARG B 147 -10.34 33.18 -7.43
CA ARG B 147 -10.75 32.84 -8.79
C ARG B 147 -9.71 33.32 -9.77
N ASN B 148 -9.24 34.55 -9.59
CA ASN B 148 -8.36 35.09 -10.62
C ASN B 148 -7.03 34.35 -10.62
N TRP B 149 -6.54 33.99 -9.42
CA TRP B 149 -5.28 33.24 -9.39
C TRP B 149 -5.44 31.84 -10.01
N TYR B 150 -6.58 31.19 -9.76
CA TYR B 150 -6.83 29.93 -10.45
C TYR B 150 -6.70 30.12 -11.97
N THR B 151 -7.44 31.11 -12.50
CA THR B 151 -7.44 31.30 -13.94
C THR B 151 -6.03 31.53 -14.42
N ARG B 152 -5.28 32.32 -13.66
CA ARG B 152 -3.94 32.69 -14.12
C ARG B 152 -2.99 31.50 -14.07
N ILE B 153 -2.98 30.79 -12.94
CA ILE B 153 -2.05 29.65 -12.85
C ILE B 153 -2.40 28.63 -13.94
N GLN B 154 -3.69 28.37 -14.12
CA GLN B 154 -4.12 27.38 -15.11
C GLN B 154 -3.70 27.78 -16.51
N GLU B 155 -3.93 29.04 -16.89
CA GLU B 155 -3.74 29.31 -18.32
C GLU B 155 -2.27 29.42 -18.70
N THR B 156 -1.46 29.90 -17.77
CA THR B 156 -0.06 30.21 -18.04
C THR B 156 0.89 29.09 -17.66
N GLY B 157 0.50 28.25 -16.70
CA GLY B 157 1.46 27.33 -16.13
C GLY B 157 2.44 28.03 -15.22
N LEU B 158 2.00 29.09 -14.52
CA LEU B 158 2.88 29.78 -13.60
C LEU B 158 3.44 28.78 -12.59
N TYR B 159 4.72 28.94 -12.25
CA TYR B 159 5.46 28.07 -11.34
C TYR B 159 5.41 28.67 -9.95
N PHE B 160 4.58 28.09 -9.09
CA PHE B 160 4.55 28.43 -7.68
C PHE B 160 5.37 27.42 -6.88
N ASN B 161 5.77 27.84 -5.69
CA ASN B 161 6.24 26.95 -4.64
C ASN B 161 5.54 27.41 -3.39
N HIS B 162 5.53 26.60 -2.34
CA HIS B 162 5.07 27.09 -1.06
C HIS B 162 6.25 27.09 -0.10
N ALA B 163 6.45 28.22 0.55
CA ALA B 163 7.45 28.37 1.61
C ALA B 163 6.65 28.36 2.90
N ILE B 164 6.86 27.36 3.75
CA ILE B 164 5.92 27.31 4.86
C ILE B 164 6.48 26.94 6.22
N VAL B 165 7.75 26.56 6.31
CA VAL B 165 8.34 26.21 7.60
C VAL B 165 8.85 27.46 8.31
N ASN B 166 8.46 27.63 9.55
CA ASN B 166 8.79 28.82 10.30
C ASN B 166 10.24 28.81 10.77
N PRO B 167 10.82 29.98 11.02
CA PRO B 167 12.20 30.05 11.47
C PRO B 167 12.31 29.64 12.94
N PRO B 168 13.45 29.08 13.36
CA PRO B 168 13.63 28.70 14.78
C PRO B 168 13.51 29.89 15.71
N ILE B 169 13.16 29.61 16.97
CA ILE B 169 12.96 30.65 17.96
C ILE B 169 13.93 30.41 19.12
N ASP B 170 14.85 31.36 19.32
CA ASP B 170 15.70 31.41 20.51
C ASP B 170 14.81 31.76 21.71
N ARG B 171 14.66 30.81 22.63
CA ARG B 171 13.77 31.00 23.77
C ARG B 171 14.43 31.73 24.95
N HIS B 172 15.72 32.08 24.87
CA HIS B 172 16.34 32.84 25.93
C HIS B 172 16.31 34.34 25.69
N LEU B 173 16.08 34.78 24.43
CA LEU B 173 15.95 36.21 24.11
C LEU B 173 14.64 36.67 24.78
N PRO B 174 14.37 37.97 24.81
CA PRO B 174 13.07 38.42 25.32
C PRO B 174 11.95 38.10 24.33
N THR B 175 10.72 38.00 24.84
CA THR B 175 9.55 37.92 23.95
C THR B 175 9.43 39.22 23.14
N ASP B 176 10.06 40.29 23.65
CA ASP B 176 10.47 41.43 22.85
C ASP B 176 11.64 41.04 21.95
N LYS B 177 11.44 41.17 20.62
CA LYS B 177 12.43 40.92 19.57
C LYS B 177 12.26 39.57 18.85
N VAL B 178 11.38 38.69 19.35
CA VAL B 178 11.12 37.41 18.68
C VAL B 178 9.91 37.39 17.76
N LYS B 179 9.10 38.45 17.75
CA LYS B 179 8.05 38.49 16.74
C LYS B 179 8.60 38.79 15.36
N ASP B 180 9.74 39.49 15.32
CA ASP B 180 10.33 39.97 14.07
C ASP B 180 10.71 38.81 13.17
N VAL B 181 10.64 37.57 13.65
CA VAL B 181 11.20 36.45 12.90
C VAL B 181 10.11 35.79 12.04
N TYR B 182 8.88 35.70 12.56
CA TYR B 182 7.83 35.12 11.76
C TYR B 182 7.27 36.12 10.75
N ILE B 183 6.68 35.57 9.69
CA ILE B 183 5.97 36.38 8.73
C ILE B 183 4.93 37.20 9.47
N LYS B 184 5.00 38.52 9.32
CA LYS B 184 4.09 39.37 10.06
C LYS B 184 3.66 40.53 9.17
N LEU B 185 2.45 41.03 9.45
CA LEU B 185 1.98 42.27 8.83
C LEU B 185 2.69 43.45 9.46
N GLU B 186 3.53 44.13 8.67
CA GLU B 186 4.10 45.40 9.12
C GLU B 186 3.06 46.49 9.01
N LYS B 187 2.46 46.61 7.82
CA LYS B 187 1.62 47.77 7.56
C LYS B 187 0.55 47.54 6.51
N GLU B 188 -0.63 48.11 6.75
CA GLU B 188 -1.73 48.12 5.80
C GLU B 188 -1.77 49.43 5.02
N THR B 189 -1.82 49.34 3.69
CA THR B 189 -1.96 50.49 2.83
C THR B 189 -2.97 50.17 1.72
N ASP B 190 -3.40 51.22 1.03
CA ASP B 190 -4.33 51.10 -0.07
C ASP B 190 -3.73 50.35 -1.24
N ALA B 191 -2.41 50.32 -1.34
CA ALA B 191 -1.75 49.61 -2.40
C ALA B 191 -1.42 48.16 -2.02
N GLY B 192 -1.84 47.70 -0.83
CA GLY B 192 -1.52 46.37 -0.37
C GLY B 192 -0.92 46.38 1.01
N ILE B 193 -0.38 45.23 1.41
CA ILE B 193 0.15 45.07 2.76
C ILE B 193 1.66 44.91 2.66
N ILE B 194 2.34 45.39 3.68
CA ILE B 194 3.78 45.29 3.78
C ILE B 194 4.06 44.26 4.86
N VAL B 195 4.97 43.33 4.54
CA VAL B 195 5.24 42.18 5.38
C VAL B 195 6.73 41.96 5.49
N SER B 196 7.13 41.40 6.64
CA SER B 196 8.50 40.99 6.89
C SER B 196 8.48 39.66 7.64
N GLY B 197 9.50 38.87 7.40
CA GLY B 197 9.69 37.62 8.12
C GLY B 197 10.47 36.63 7.28
N ALA B 198 10.43 35.37 7.67
CA ALA B 198 11.13 34.36 6.89
C ALA B 198 10.42 33.01 6.94
N LYS B 199 10.66 32.23 5.89
CA LYS B 199 10.27 30.83 5.82
C LYS B 199 11.49 30.04 5.41
N VAL B 200 11.82 29.03 6.16
CA VAL B 200 12.91 28.15 5.80
C VAL B 200 12.37 27.07 4.86
N VAL B 201 13.25 26.48 4.07
CA VAL B 201 12.82 25.47 3.11
C VAL B 201 11.87 26.11 2.10
N ALA B 202 12.46 26.73 1.10
CA ALA B 202 11.83 27.23 -0.10
C ALA B 202 12.47 26.46 -1.24
N THR B 203 12.08 25.18 -1.35
CA THR B 203 12.72 24.24 -2.25
C THR B 203 12.50 24.63 -3.70
N ASN B 204 13.59 24.91 -4.38
CA ASN B 204 13.64 25.34 -5.78
C ASN B 204 13.01 26.72 -6.00
N SER B 205 12.79 27.50 -4.95
CA SER B 205 12.15 28.81 -5.14
C SER B 205 12.95 29.72 -6.08
N ALA B 206 14.27 29.54 -6.18
CA ALA B 206 15.06 30.34 -7.10
C ALA B 206 14.56 30.26 -8.52
N LEU B 207 13.78 29.23 -8.85
CA LEU B 207 13.36 29.01 -10.22
C LEU B 207 11.87 29.19 -10.42
N THR B 208 11.17 29.75 -9.44
CA THR B 208 9.73 29.93 -9.53
C THR B 208 9.34 31.37 -9.86
N HIS B 209 8.07 31.57 -10.17
CA HIS B 209 7.52 32.90 -10.39
C HIS B 209 6.97 33.51 -9.11
N TYR B 210 6.27 32.71 -8.33
CA TYR B 210 5.67 33.16 -7.08
C TYR B 210 5.83 32.10 -6.02
N ASN B 211 5.69 32.52 -4.77
CA ASN B 211 5.62 31.62 -3.64
C ASN B 211 4.37 31.94 -2.87
N MET B 212 3.69 30.90 -2.40
CA MET B 212 2.61 31.06 -1.43
C MET B 212 3.23 31.08 -0.05
N ILE B 213 2.80 32.04 0.75
CA ILE B 213 3.24 32.15 2.13
C ILE B 213 2.02 32.00 3.00
N GLY B 214 2.11 31.15 4.00
CA GLY B 214 1.05 30.99 4.97
C GLY B 214 1.62 30.64 6.32
N SER B 215 0.74 30.55 7.32
CA SER B 215 1.14 30.29 8.74
C SER B 215 1.38 28.89 9.07
N SER B 223 -2.08 34.42 19.93
CA SER B 223 -2.98 35.41 19.33
C SER B 223 -2.15 36.43 18.52
N ASP B 224 -2.72 37.62 18.29
CA ASP B 224 -2.21 38.69 17.43
C ASP B 224 -2.49 38.36 15.96
N PRO B 225 -3.66 38.75 15.44
CA PRO B 225 -3.98 38.40 14.05
C PRO B 225 -2.98 38.93 13.04
N ASP B 226 -2.05 39.82 13.42
CA ASP B 226 -1.06 40.27 12.46
C ASP B 226 -0.23 39.12 11.90
N PHE B 227 -0.28 37.94 12.51
CA PHE B 227 0.46 36.77 12.04
C PHE B 227 -0.37 35.82 11.17
N ALA B 228 -1.69 35.97 11.14
CA ALA B 228 -2.61 35.04 10.48
C ALA B 228 -2.82 35.50 9.04
N LEU B 229 -1.85 35.18 8.19
CA LEU B 229 -1.84 35.62 6.82
C LEU B 229 -1.69 34.43 5.87
N MET B 230 -2.25 34.57 4.68
CA MET B 230 -1.85 33.77 3.54
C MET B 230 -1.86 34.67 2.33
N PHE B 231 -0.78 34.67 1.57
CA PHE B 231 -0.72 35.53 0.41
C PHE B 231 0.28 34.97 -0.58
N VAL B 232 0.34 35.61 -1.74
CA VAL B 232 1.22 35.24 -2.83
C VAL B 232 2.25 36.34 -2.99
N ALA B 233 3.49 35.97 -3.26
CA ALA B 233 4.52 36.96 -3.44
C ALA B 233 5.37 36.58 -4.65
N PRO B 234 5.60 37.51 -5.57
CA PRO B 234 6.50 37.20 -6.70
C PRO B 234 7.95 37.18 -6.27
N MET B 235 8.74 36.43 -7.03
CA MET B 235 10.15 36.23 -6.69
C MET B 235 11.02 37.44 -7.00
N ASP B 236 10.52 38.37 -7.81
CA ASP B 236 11.22 39.61 -8.12
C ASP B 236 10.67 40.82 -7.37
N ALA B 237 9.77 40.61 -6.42
CA ALA B 237 9.32 41.72 -5.59
C ALA B 237 10.50 42.27 -4.80
N ASP B 238 10.53 43.58 -4.64
CA ASP B 238 11.57 44.23 -3.84
C ASP B 238 11.40 43.85 -2.37
N GLY B 239 12.48 43.37 -1.76
CA GLY B 239 12.46 42.89 -0.40
C GLY B 239 12.41 41.39 -0.27
N VAL B 240 12.03 40.69 -1.34
CA VAL B 240 12.08 39.23 -1.38
C VAL B 240 13.50 38.80 -1.72
N LYS B 241 14.10 37.96 -0.87
CA LYS B 241 15.46 37.48 -1.05
C LYS B 241 15.56 36.00 -0.74
N LEU B 242 16.35 35.27 -1.51
CA LEU B 242 16.66 33.88 -1.17
C LEU B 242 18.11 33.76 -0.72
N ILE B 243 18.31 33.10 0.42
CA ILE B 243 19.63 32.66 0.87
C ILE B 243 19.76 31.17 0.57
N SER B 244 20.59 30.83 -0.40
CA SER B 244 20.71 29.49 -0.88
C SER B 244 21.52 28.60 0.05
N ARG B 245 21.27 27.29 -0.05
CA ARG B 245 22.12 26.27 0.53
C ARG B 245 23.19 25.92 -0.49
N ALA B 246 24.13 25.06 -0.11
CA ALA B 246 25.19 24.64 -1.02
C ALA B 246 24.56 24.10 -2.28
N SER B 247 25.23 24.27 -3.40
CA SER B 247 24.69 23.87 -4.68
C SER B 247 25.42 22.63 -5.16
N TYR B 248 24.71 21.48 -5.14
CA TYR B 248 25.28 20.25 -5.68
C TYR B 248 25.46 20.34 -7.18
N GLU B 249 24.62 21.14 -7.87
CA GLU B 249 24.85 21.36 -9.30
C GLU B 249 26.22 22.02 -9.55
N MET B 250 26.50 23.12 -8.84
CA MET B 250 27.74 23.85 -9.08
C MET B 250 28.96 23.05 -8.66
N VAL B 251 28.90 22.39 -7.49
CA VAL B 251 30.02 21.52 -7.09
C VAL B 251 30.25 20.45 -8.14
N ALA B 252 29.18 19.84 -8.64
CA ALA B 252 29.33 18.79 -9.63
C ALA B 252 29.91 19.30 -10.95
N GLY B 253 29.60 20.54 -11.31
CA GLY B 253 30.18 21.13 -12.51
C GLY B 253 31.64 21.56 -12.33
N ALA B 254 31.97 22.11 -11.16
CA ALA B 254 33.30 22.63 -10.90
C ALA B 254 34.32 21.51 -10.68
N THR B 255 33.92 20.43 -10.01
CA THR B 255 34.88 19.40 -9.62
C THR B 255 34.49 18.01 -10.11
N GLY B 256 33.43 17.91 -10.88
CA GLY B 256 33.00 16.63 -11.36
C GLY B 256 32.63 16.78 -12.81
N SER B 257 31.64 16.02 -13.26
CA SER B 257 31.26 15.94 -14.65
C SER B 257 29.89 15.26 -14.73
N PRO B 258 29.19 15.39 -15.86
CA PRO B 258 27.91 14.66 -16.02
C PRO B 258 28.06 13.17 -15.78
N TYR B 259 29.12 12.58 -16.32
CA TYR B 259 29.36 11.15 -16.16
C TYR B 259 29.56 10.79 -14.68
N ASP B 260 30.18 11.68 -13.92
CA ASP B 260 30.49 11.40 -12.53
C ASP B 260 29.32 11.74 -11.60
N TYR B 261 28.50 12.72 -11.95
CA TYR B 261 27.37 13.17 -11.14
C TYR B 261 26.19 13.45 -12.06
N PRO B 262 25.60 12.40 -12.63
CA PRO B 262 24.57 12.58 -13.66
C PRO B 262 23.26 13.15 -13.17
N LEU B 263 22.95 13.09 -11.88
CA LEU B 263 21.72 13.65 -11.33
C LEU B 263 21.99 14.97 -10.64
N SER B 264 23.03 15.01 -9.81
CA SER B 264 23.43 16.27 -9.18
C SER B 264 23.59 17.39 -10.22
N SER B 265 24.07 17.04 -11.41
CA SER B 265 24.42 18.04 -12.43
C SER B 265 23.20 18.67 -13.10
N ARG B 266 22.00 18.09 -12.94
CA ARG B 266 20.84 18.61 -13.65
C ARG B 266 19.52 18.64 -12.88
N PHE B 267 19.40 18.04 -11.70
CA PHE B 267 18.11 17.94 -10.99
C PHE B 267 18.15 18.55 -9.60
N ASP B 268 19.17 19.35 -9.30
CA ASP B 268 19.29 19.90 -7.96
C ASP B 268 18.26 20.99 -7.74
N GLU B 269 17.46 20.84 -6.69
CA GLU B 269 16.41 21.80 -6.33
C GLU B 269 16.87 22.46 -5.03
N ASN B 270 17.42 23.66 -5.13
CA ASN B 270 18.10 24.26 -3.98
C ASN B 270 17.10 24.63 -2.89
N ASP B 271 17.37 24.16 -1.66
CA ASP B 271 16.50 24.42 -0.51
C ASP B 271 16.91 25.75 0.12
N ALA B 272 16.26 26.84 -0.31
CA ALA B 272 16.62 28.17 0.14
C ALA B 272 15.86 28.57 1.42
N ILE B 273 16.44 29.54 2.12
CA ILE B 273 15.71 30.35 3.08
C ILE B 273 15.11 31.51 2.31
N LEU B 274 13.82 31.76 2.52
CA LEU B 274 13.12 32.84 1.85
C LEU B 274 12.91 33.94 2.88
N VAL B 275 13.46 35.10 2.58
CA VAL B 275 13.46 36.26 3.46
C VAL B 275 12.55 37.30 2.83
N MET B 276 11.67 37.84 3.62
CA MET B 276 10.87 38.98 3.21
C MET B 276 11.23 40.17 4.10
N ASP B 277 11.84 41.14 3.47
CA ASP B 277 12.27 42.37 4.12
C ASP B 277 11.36 43.46 3.59
N ASN B 278 10.28 43.79 4.31
CA ASN B 278 9.62 45.03 3.96
C ASN B 278 8.97 44.97 2.58
N VAL B 279 8.28 43.85 2.30
CA VAL B 279 7.74 43.54 0.97
C VAL B 279 6.31 44.07 0.87
N LEU B 280 6.00 44.68 -0.25
CA LEU B 280 4.64 45.13 -0.52
C LEU B 280 3.88 44.03 -1.25
N ILE B 281 2.82 43.54 -0.66
CA ILE B 281 1.96 42.52 -1.28
C ILE B 281 0.69 43.21 -1.75
N PRO B 282 0.47 43.37 -3.05
CA PRO B 282 -0.80 43.98 -3.50
C PRO B 282 -2.01 43.21 -3.01
N TRP B 283 -3.13 43.93 -2.87
CA TRP B 283 -4.32 43.32 -2.30
C TRP B 283 -4.82 42.16 -3.16
N GLU B 284 -4.52 42.18 -4.47
CA GLU B 284 -4.90 41.12 -5.37
C GLU B 284 -4.19 39.81 -5.07
N ASN B 285 -3.17 39.84 -4.22
CA ASN B 285 -2.35 38.70 -3.86
C ASN B 285 -2.59 38.22 -2.46
N VAL B 286 -3.53 38.80 -1.76
CA VAL B 286 -3.85 38.39 -0.41
C VAL B 286 -5.00 37.40 -0.46
N LEU B 287 -4.93 36.36 0.36
CA LEU B 287 -5.95 35.31 0.35
C LEU B 287 -6.59 35.11 1.70
N ILE B 288 -5.82 35.15 2.77
CA ILE B 288 -6.37 35.13 4.13
C ILE B 288 -5.69 36.27 4.87
N TYR B 289 -6.45 37.06 5.61
CA TYR B 289 -5.95 38.32 6.18
C TYR B 289 -6.40 38.48 7.62
N ARG B 290 -5.45 38.38 8.56
CA ARG B 290 -5.70 38.63 9.98
C ARG B 290 -6.90 37.81 10.47
N ASP B 291 -6.84 36.51 10.20
CA ASP B 291 -8.03 35.64 10.23
C ASP B 291 -7.63 34.27 10.78
N PHE B 292 -7.53 34.18 12.10
CA PHE B 292 -7.10 32.93 12.70
C PHE B 292 -8.06 31.81 12.34
N ASP B 293 -9.34 32.13 12.23
CA ASP B 293 -10.33 31.08 12.00
C ASP B 293 -10.13 30.43 10.65
N ARG B 294 -9.99 31.24 9.59
CA ARG B 294 -9.75 30.70 8.26
C ARG B 294 -8.39 30.04 8.16
N CYS B 295 -7.37 30.61 8.82
CA CYS B 295 -6.04 30.02 8.77
C CYS B 295 -6.03 28.62 9.36
N ARG B 296 -6.75 28.44 10.47
CA ARG B 296 -6.76 27.16 11.14
C ARG B 296 -7.54 26.13 10.35
N ARG B 297 -8.58 26.56 9.65
CA ARG B 297 -9.46 25.67 8.91
C ARG B 297 -8.96 25.34 7.51
N TRP B 298 -7.87 25.96 7.06
CA TRP B 298 -7.54 25.84 5.64
C TRP B 298 -7.00 24.47 5.28
N THR B 299 -6.25 23.84 6.19
CA THR B 299 -5.69 22.52 5.86
C THR B 299 -6.79 21.49 5.67
N MET B 300 -7.84 21.53 6.51
CA MET B 300 -8.93 20.59 6.30
C MET B 300 -9.88 21.03 5.19
N GLU B 301 -10.13 22.34 5.05
CA GLU B 301 -11.19 22.81 4.18
C GLU B 301 -10.72 23.48 2.89
N GLY B 302 -9.46 23.87 2.81
CA GLY B 302 -9.01 24.57 1.62
C GLY B 302 -8.80 23.66 0.42
N GLY B 303 -8.55 22.38 0.65
CA GLY B 303 -8.38 21.45 -0.43
C GLY B 303 -6.94 21.11 -0.76
N PHE B 304 -6.01 22.05 -0.59
CA PHE B 304 -4.65 21.84 -1.10
C PHE B 304 -4.01 20.62 -0.43
N ALA B 305 -4.14 20.53 0.89
CA ALA B 305 -3.58 19.41 1.63
C ALA B 305 -4.22 18.09 1.23
N ARG B 306 -5.43 18.14 0.71
CA ARG B 306 -6.17 16.97 0.29
C ARG B 306 -5.92 16.66 -1.15
N MET B 307 -5.05 17.42 -1.83
CA MET B 307 -4.86 17.28 -3.25
C MET B 307 -3.40 17.09 -3.63
N TYR B 308 -2.48 17.81 -3.02
CA TYR B 308 -1.12 17.78 -3.55
C TYR B 308 -0.47 16.42 -3.35
N PRO B 309 -0.82 15.64 -2.32
CA PRO B 309 -0.15 14.33 -2.16
C PRO B 309 -0.39 13.38 -3.33
N LEU B 310 -1.42 13.59 -4.15
CA LEU B 310 -1.54 12.81 -5.38
C LEU B 310 -0.30 13.03 -6.26
N GLN B 311 0.13 14.27 -6.42
CA GLN B 311 1.36 14.52 -7.18
C GLN B 311 2.56 13.93 -6.44
N ALA B 312 2.58 14.04 -5.11
CA ALA B 312 3.79 13.66 -4.41
C ALA B 312 3.96 12.15 -4.42
N CYS B 313 2.85 11.42 -4.32
CA CYS B 313 2.91 9.96 -4.38
C CYS B 313 3.31 9.49 -5.77
N VAL B 314 2.76 10.13 -6.80
CA VAL B 314 3.10 9.69 -8.15
C VAL B 314 4.56 9.95 -8.41
N ARG B 315 5.03 11.13 -8.00
CA ARG B 315 6.42 11.51 -8.22
C ARG B 315 7.34 10.52 -7.51
N LEU B 316 7.00 10.15 -6.27
CA LEU B 316 7.81 9.14 -5.62
C LEU B 316 7.77 7.82 -6.37
N ALA B 317 6.60 7.43 -6.86
CA ALA B 317 6.46 6.13 -7.52
C ALA B 317 7.29 6.10 -8.80
N VAL B 318 7.38 7.23 -9.50
CA VAL B 318 8.24 7.27 -10.67
C VAL B 318 9.69 7.14 -10.25
N LYS B 319 10.07 7.85 -9.18
CA LYS B 319 11.43 7.71 -8.67
C LYS B 319 11.71 6.27 -8.32
N LEU B 320 10.74 5.57 -7.74
CA LEU B 320 10.98 4.19 -7.36
C LEU B 320 11.03 3.30 -8.58
N ASP B 321 10.28 3.63 -9.64
CA ASP B 321 10.48 2.94 -10.93
C ASP B 321 11.95 2.99 -11.31
N PHE B 322 12.51 4.21 -11.26
CA PHE B 322 13.89 4.42 -11.66
C PHE B 322 14.83 3.63 -10.75
N ILE B 323 14.64 3.76 -9.43
CA ILE B 323 15.58 3.12 -8.50
C ILE B 323 15.49 1.61 -8.66
N THR B 324 14.28 1.09 -8.89
CA THR B 324 14.16 -0.36 -8.94
C THR B 324 15.02 -0.89 -10.08
N ALA B 325 14.86 -0.30 -11.27
CA ALA B 325 15.58 -0.84 -12.41
C ALA B 325 17.05 -0.51 -12.29
N LEU B 326 17.37 0.63 -11.65
CA LEU B 326 18.77 0.99 -11.49
C LEU B 326 19.44 0.00 -10.56
N LEU B 327 18.70 -0.46 -9.54
CA LEU B 327 19.24 -1.49 -8.67
C LEU B 327 19.47 -2.78 -9.47
N LYS B 328 18.46 -3.18 -10.24
CA LYS B 328 18.64 -4.39 -11.03
C LYS B 328 19.86 -4.25 -11.93
N LYS B 329 20.04 -3.07 -12.53
CA LYS B 329 21.13 -2.91 -13.48
C LYS B 329 22.47 -2.93 -12.76
N SER B 330 22.50 -2.34 -11.55
CA SER B 330 23.72 -2.36 -10.77
C SER B 330 24.10 -3.79 -10.42
N LEU B 331 23.11 -4.61 -10.10
CA LEU B 331 23.41 -5.99 -9.71
C LEU B 331 23.76 -6.82 -10.91
N GLU B 332 23.33 -6.38 -12.11
CA GLU B 332 23.78 -7.03 -13.33
C GLU B 332 25.25 -6.79 -13.54
N CYS B 333 25.77 -5.58 -13.21
CA CYS B 333 27.18 -5.45 -13.52
C CYS B 333 28.09 -5.98 -12.40
N THR B 334 27.58 -6.19 -11.17
CA THR B 334 28.41 -6.89 -10.19
C THR B 334 28.31 -8.41 -10.31
N GLY B 335 27.28 -8.91 -10.96
CA GLY B 335 27.10 -10.33 -11.13
C GLY B 335 26.33 -11.03 -10.04
N THR B 336 25.85 -10.32 -9.02
CA THR B 336 25.19 -10.94 -7.89
C THR B 336 23.71 -11.12 -8.09
N LEU B 337 23.15 -10.67 -9.22
CA LEU B 337 21.70 -10.69 -9.39
C LEU B 337 21.15 -12.10 -9.35
N GLU B 338 21.95 -13.09 -9.72
CA GLU B 338 21.44 -14.45 -9.79
C GLU B 338 21.14 -15.07 -8.44
N PHE B 339 21.76 -14.58 -7.37
CA PHE B 339 21.64 -15.24 -6.08
C PHE B 339 20.25 -15.04 -5.50
N ARG B 340 19.72 -16.09 -4.86
CA ARG B 340 18.36 -16.06 -4.36
C ARG B 340 18.13 -14.88 -3.39
N GLY B 341 19.08 -14.64 -2.47
CA GLY B 341 18.89 -13.59 -1.48
C GLY B 341 18.89 -12.20 -2.08
N VAL B 342 19.69 -11.99 -3.14
CA VAL B 342 19.72 -10.73 -3.88
C VAL B 342 18.41 -10.54 -4.63
N GLN B 343 17.94 -11.59 -5.28
CA GLN B 343 16.66 -11.52 -5.96
C GLN B 343 15.51 -11.20 -5.00
N ALA B 344 15.56 -11.77 -3.79
CA ALA B 344 14.49 -11.50 -2.83
C ALA B 344 14.53 -10.03 -2.39
N ASP B 345 15.73 -9.48 -2.17
CA ASP B 345 15.83 -8.07 -1.82
C ASP B 345 15.30 -7.17 -2.93
N LEU B 346 15.64 -7.51 -4.17
CA LEU B 346 15.11 -6.74 -5.30
C LEU B 346 13.61 -6.86 -5.38
N GLY B 347 13.04 -8.05 -5.15
CA GLY B 347 11.63 -8.20 -5.11
C GLY B 347 10.95 -7.37 -4.04
N GLU B 348 11.61 -7.19 -2.89
CA GLU B 348 11.01 -6.30 -1.89
C GLU B 348 10.97 -4.87 -2.40
N VAL B 349 12.04 -4.43 -3.06
CA VAL B 349 12.05 -3.07 -3.63
C VAL B 349 10.92 -2.91 -4.63
N VAL B 350 10.70 -3.94 -5.46
CA VAL B 350 9.58 -3.95 -6.38
C VAL B 350 8.26 -3.78 -5.63
N ALA B 351 8.10 -4.51 -4.52
CA ALA B 351 6.84 -4.42 -3.77
C ALA B 351 6.61 -3.00 -3.25
N TRP B 352 7.66 -2.33 -2.78
CA TRP B 352 7.49 -0.94 -2.32
C TRP B 352 7.12 0.01 -3.47
N ARG B 353 7.77 -0.17 -4.60
CA ARG B 353 7.41 0.55 -5.81
C ARG B 353 5.94 0.34 -6.16
N ASN B 354 5.51 -0.92 -6.18
CA ASN B 354 4.14 -1.23 -6.51
C ASN B 354 3.18 -0.55 -5.56
N THR B 355 3.58 -0.49 -4.29
CA THR B 355 2.72 0.04 -3.26
C THR B 355 2.33 1.46 -3.58
N PHE B 356 3.30 2.29 -3.98
CA PHE B 356 2.93 3.71 -4.21
C PHE B 356 2.13 3.89 -5.48
N TRP B 357 2.35 3.05 -6.51
CA TRP B 357 1.42 3.06 -7.63
C TRP B 357 0.01 2.65 -7.18
N ALA B 358 -0.11 1.62 -6.35
CA ALA B 358 -1.44 1.18 -5.94
C ALA B 358 -2.14 2.23 -5.08
N LEU B 359 -1.39 2.91 -4.23
CA LEU B 359 -1.99 3.97 -3.44
C LEU B 359 -2.52 5.08 -4.35
N SER B 360 -1.78 5.43 -5.41
CA SER B 360 -2.30 6.44 -6.32
C SER B 360 -3.54 5.93 -7.06
N ASP B 361 -3.60 4.62 -7.36
CA ASP B 361 -4.82 4.05 -7.94
C ASP B 361 -6.01 4.28 -7.02
N SER B 362 -5.82 4.00 -5.73
CA SER B 362 -6.89 4.12 -4.77
C SER B 362 -7.28 5.57 -4.58
N MET B 363 -6.29 6.47 -4.60
CA MET B 363 -6.58 7.90 -4.53
C MET B 363 -7.62 8.28 -5.56
N CYS B 364 -7.43 7.80 -6.79
CA CYS B 364 -8.31 8.16 -7.89
C CYS B 364 -9.63 7.40 -7.88
N SER B 365 -9.58 6.08 -7.69
CA SER B 365 -10.79 5.26 -7.80
C SER B 365 -11.80 5.55 -6.69
N GLU B 366 -11.32 5.91 -5.50
CA GLU B 366 -12.22 6.17 -4.38
C GLU B 366 -12.43 7.67 -4.15
N ALA B 367 -12.11 8.49 -5.15
CA ALA B 367 -12.30 9.94 -5.08
C ALA B 367 -13.77 10.26 -4.76
N THR B 368 -13.98 11.35 -4.03
CA THR B 368 -15.28 11.79 -3.56
C THR B 368 -15.62 13.18 -4.08
N PRO B 369 -16.91 13.46 -4.31
CA PRO B 369 -17.30 14.84 -4.62
C PRO B 369 -17.10 15.77 -3.43
N TRP B 370 -16.59 16.97 -3.73
CA TRP B 370 -16.21 17.93 -2.71
C TRP B 370 -17.17 19.13 -2.82
N VAL B 371 -16.79 20.21 -3.46
CA VAL B 371 -17.69 21.34 -3.63
C VAL B 371 -17.62 21.80 -5.07
N ASN B 372 -18.73 22.34 -5.57
CA ASN B 372 -18.79 22.94 -6.90
C ASN B 372 -18.42 21.94 -7.99
N GLY B 373 -18.75 20.66 -7.78
CA GLY B 373 -18.41 19.59 -8.72
C GLY B 373 -17.00 19.07 -8.65
N ALA B 374 -16.14 19.67 -7.84
CA ALA B 374 -14.76 19.21 -7.77
C ALA B 374 -14.70 17.87 -7.04
N TYR B 375 -13.71 17.07 -7.40
CA TYR B 375 -13.45 15.78 -6.78
C TYR B 375 -12.12 15.83 -6.05
N LEU B 376 -12.07 15.20 -4.88
CA LEU B 376 -10.86 15.07 -4.10
C LEU B 376 -10.43 13.61 -4.04
N PRO B 377 -9.15 13.33 -4.14
CA PRO B 377 -8.70 11.93 -4.02
C PRO B 377 -9.01 11.35 -2.65
N ASP B 378 -9.05 10.01 -2.60
CA ASP B 378 -9.27 9.32 -1.35
C ASP B 378 -8.29 9.79 -0.28
N HIS B 379 -8.81 10.15 0.87
CA HIS B 379 -8.01 10.85 1.85
C HIS B 379 -7.14 9.88 2.66
N ALA B 380 -7.70 8.71 2.99
CA ALA B 380 -6.95 7.68 3.69
C ALA B 380 -5.70 7.29 2.90
N ALA B 381 -5.84 7.17 1.57
CA ALA B 381 -4.67 6.79 0.77
C ALA B 381 -3.58 7.86 0.85
N LEU B 382 -3.95 9.15 0.87
CA LEU B 382 -2.96 10.21 0.99
C LEU B 382 -2.20 10.11 2.30
N GLN B 383 -2.93 9.91 3.40
CA GLN B 383 -2.26 9.80 4.70
C GLN B 383 -1.34 8.58 4.75
N THR B 384 -1.76 7.49 4.13
CA THR B 384 -0.99 6.26 4.12
C THR B 384 0.29 6.43 3.32
N TYR B 385 0.19 7.06 2.18
CA TYR B 385 1.36 7.42 1.41
C TYR B 385 2.33 8.21 2.28
N ARG B 386 1.82 9.16 3.07
CA ARG B 386 2.73 9.97 3.89
C ARG B 386 3.44 9.14 4.95
N VAL B 387 2.74 8.20 5.56
CA VAL B 387 3.34 7.37 6.59
C VAL B 387 4.33 6.37 6.01
N LEU B 388 3.98 5.75 4.87
CA LEU B 388 4.80 4.65 4.37
C LEU B 388 6.03 5.12 3.61
N ALA B 389 5.98 6.28 2.96
CA ALA B 389 7.10 6.69 2.12
C ALA B 389 8.41 6.78 2.87
N PRO B 390 8.48 7.35 4.06
CA PRO B 390 9.80 7.42 4.72
C PRO B 390 10.35 6.06 5.08
N MET B 391 9.47 5.15 5.53
CA MET B 391 9.90 3.78 5.82
C MET B 391 10.40 3.08 4.57
N ALA B 392 9.63 3.16 3.51
CA ALA B 392 10.00 2.50 2.27
C ALA B 392 11.32 3.04 1.75
N TYR B 393 11.50 4.36 1.78
CA TYR B 393 12.70 4.91 1.17
C TYR B 393 13.92 4.51 1.96
N ALA B 394 13.84 4.61 3.29
CA ALA B 394 14.99 4.22 4.10
C ALA B 394 15.33 2.76 3.89
N LYS B 395 14.29 1.91 3.79
CA LYS B 395 14.51 0.49 3.62
C LYS B 395 15.11 0.17 2.27
N ILE B 396 14.65 0.85 1.22
CA ILE B 396 15.21 0.60 -0.10
C ILE B 396 16.67 1.03 -0.16
N LYS B 397 16.99 2.18 0.42
CA LYS B 397 18.36 2.63 0.39
C LYS B 397 19.28 1.64 1.10
N ASN B 398 18.84 1.13 2.26
CA ASN B 398 19.64 0.11 2.94
C ASN B 398 19.75 -1.19 2.11
N ILE B 399 18.68 -1.60 1.43
CA ILE B 399 18.79 -2.76 0.54
C ILE B 399 19.84 -2.52 -0.55
N ILE B 400 19.82 -1.34 -1.16
CA ILE B 400 20.82 -1.02 -2.17
C ILE B 400 22.22 -1.12 -1.57
N GLU B 401 22.45 -0.45 -0.44
CA GLU B 401 23.81 -0.38 0.09
C GLU B 401 24.32 -1.73 0.53
N ARG B 402 23.46 -2.61 1.00
CA ARG B 402 23.96 -3.90 1.43
C ARG B 402 23.99 -4.92 0.31
N ASN B 403 23.49 -4.60 -0.89
CA ASN B 403 23.62 -5.55 -1.99
C ASN B 403 24.63 -5.15 -3.07
N VAL B 404 24.85 -3.85 -3.29
CA VAL B 404 25.81 -3.39 -4.28
C VAL B 404 27.15 -3.12 -3.64
N THR B 405 27.31 -3.48 -2.36
CA THR B 405 28.53 -3.35 -1.57
C THR B 405 29.67 -2.63 -2.26
N SER B 406 30.77 -3.33 -2.53
CA SER B 406 32.00 -2.66 -2.99
C SER B 406 31.82 -1.97 -4.34
N GLY B 407 30.92 -2.47 -5.18
CA GLY B 407 30.60 -1.82 -6.44
C GLY B 407 30.58 -0.31 -6.36
N LEU B 408 30.14 0.25 -5.24
CA LEU B 408 29.99 1.69 -5.14
C LEU B 408 31.20 2.41 -4.60
N ILE B 409 32.14 1.71 -3.98
CA ILE B 409 33.13 2.42 -3.17
C ILE B 409 34.32 2.87 -4.00
N TYR B 410 34.77 2.08 -4.99
CA TYR B 410 36.13 2.24 -5.48
C TYR B 410 36.20 2.87 -6.86
N LEU B 411 35.12 2.80 -7.66
CA LEU B 411 34.85 3.65 -8.82
C LEU B 411 35.92 4.73 -8.95
N PRO B 412 36.61 4.81 -10.08
CA PRO B 412 37.60 5.87 -10.25
C PRO B 412 36.99 7.25 -10.06
N SER B 413 37.85 8.19 -9.74
CA SER B 413 37.42 9.52 -9.36
C SER B 413 36.63 10.22 -10.45
N SER B 414 36.84 9.86 -11.72
CA SER B 414 36.51 10.86 -12.73
C SER B 414 36.50 10.28 -14.13
N ALA B 415 35.64 10.87 -14.98
CA ALA B 415 35.73 10.62 -16.43
C ALA B 415 37.13 10.90 -16.98
N ARG B 416 37.83 11.89 -16.40
CA ARG B 416 39.22 12.15 -16.74
C ARG B 416 40.10 10.92 -16.60
N ASP B 417 39.82 10.05 -15.62
CA ASP B 417 40.57 8.80 -15.51
C ASP B 417 40.34 7.92 -16.73
N LEU B 418 39.11 7.91 -17.25
CA LEU B 418 38.82 7.08 -18.40
C LEU B 418 39.45 7.64 -19.67
N ASN B 419 39.64 8.95 -19.71
CA ASN B 419 40.14 9.64 -20.90
C ASN B 419 41.66 9.85 -20.87
N ASN B 420 42.34 9.34 -19.83
CA ASN B 420 43.79 9.27 -19.82
C ASN B 420 44.15 7.80 -20.04
N PRO B 421 44.67 7.41 -21.21
CA PRO B 421 44.86 5.96 -21.47
C PRO B 421 45.87 5.31 -20.53
N GLN B 422 46.74 6.10 -19.90
CA GLN B 422 47.68 5.58 -18.90
C GLN B 422 46.97 5.01 -17.68
N ILE B 423 45.80 5.54 -17.33
CA ILE B 423 44.93 5.01 -16.27
C ILE B 423 43.91 4.02 -16.82
N ASP B 424 43.28 4.43 -17.92
CA ASP B 424 42.19 3.66 -18.50
C ASP B 424 42.66 2.26 -18.87
N GLN B 425 43.93 2.08 -19.22
CA GLN B 425 44.36 0.74 -19.58
C GLN B 425 44.09 -0.23 -18.45
N TYR B 426 44.28 0.24 -17.22
CA TYR B 426 44.08 -0.62 -16.06
C TYR B 426 42.59 -0.74 -15.75
N LEU B 427 41.86 0.37 -15.85
CA LEU B 427 40.40 0.30 -15.66
C LEU B 427 39.76 -0.71 -16.60
N ALA B 428 40.19 -0.73 -17.86
CA ALA B 428 39.58 -1.61 -18.85
C ALA B 428 39.77 -3.06 -18.47
N LYS B 429 40.83 -3.33 -17.74
CA LYS B 429 41.15 -4.70 -17.39
C LYS B 429 40.55 -5.13 -16.07
N TYR B 430 40.58 -4.25 -15.08
CA TYR B 430 40.23 -4.64 -13.72
C TYR B 430 38.87 -4.16 -13.26
N VAL B 431 38.13 -3.38 -14.07
CA VAL B 431 36.85 -2.84 -13.63
C VAL B 431 35.79 -3.13 -14.68
N ARG B 432 35.85 -4.33 -15.26
CA ARG B 432 34.87 -4.75 -16.24
C ARG B 432 33.54 -5.08 -15.55
N GLY B 433 32.47 -5.02 -16.34
CA GLY B 433 31.20 -5.51 -15.88
C GLY B 433 31.14 -7.03 -15.98
N SER B 434 30.36 -7.63 -15.10
CA SER B 434 30.36 -9.08 -14.97
C SER B 434 29.48 -9.79 -15.98
N ASN B 435 28.78 -9.07 -16.84
CA ASN B 435 27.93 -9.68 -17.86
C ASN B 435 28.36 -9.29 -19.27
N GLY B 436 29.63 -9.51 -19.60
CA GLY B 436 30.15 -9.08 -20.89
C GLY B 436 30.00 -7.60 -21.12
N MET B 437 30.19 -6.79 -20.08
CA MET B 437 29.96 -5.37 -20.18
C MET B 437 31.26 -4.62 -19.93
N ASP B 438 31.46 -3.55 -20.69
CA ASP B 438 32.73 -2.85 -20.66
C ASP B 438 32.80 -1.93 -19.45
N HIS B 439 34.03 -1.55 -19.12
CA HIS B 439 34.27 -0.82 -17.89
C HIS B 439 33.60 0.54 -17.91
N VAL B 440 33.47 1.15 -19.10
CA VAL B 440 32.89 2.50 -19.14
C VAL B 440 31.43 2.46 -18.71
N GLN B 441 30.68 1.47 -19.20
CA GLN B 441 29.26 1.30 -18.86
C GLN B 441 29.08 0.86 -17.41
N ARG B 442 29.90 -0.08 -16.93
CA ARG B 442 29.81 -0.49 -15.54
C ARG B 442 30.01 0.70 -14.61
N ILE B 443 31.09 1.43 -14.82
CA ILE B 443 31.36 2.57 -13.97
C ILE B 443 30.23 3.58 -14.09
N LYS B 444 29.69 3.75 -15.30
CA LYS B 444 28.64 4.74 -15.53
C LYS B 444 27.40 4.41 -14.70
N ILE B 445 26.97 3.13 -14.76
CA ILE B 445 25.77 2.69 -14.04
C ILE B 445 25.96 2.89 -12.54
N LEU B 446 27.11 2.45 -12.01
CA LEU B 446 27.31 2.49 -10.57
C LEU B 446 27.51 3.92 -10.10
N LYS B 447 28.09 4.80 -10.91
CA LYS B 447 28.13 6.20 -10.54
C LYS B 447 26.74 6.84 -10.52
N LEU B 448 25.85 6.42 -11.42
CA LEU B 448 24.46 6.90 -11.38
C LEU B 448 23.77 6.45 -10.08
N MET B 449 23.93 5.17 -9.71
CA MET B 449 23.40 4.67 -8.44
C MET B 449 24.00 5.43 -7.25
N TRP B 450 25.31 5.72 -7.29
CA TRP B 450 25.92 6.44 -6.20
C TRP B 450 25.36 7.86 -6.10
N ASP B 451 25.16 8.53 -7.23
CA ASP B 451 24.61 9.89 -7.18
C ASP B 451 23.16 9.84 -6.66
N ALA B 452 22.48 8.73 -6.90
CA ALA B 452 21.13 8.57 -6.39
C ALA B 452 21.08 8.42 -4.88
N ILE B 453 22.09 7.79 -4.27
CA ILE B 453 21.98 7.50 -2.85
C ILE B 453 23.07 8.01 -1.93
N GLY B 454 24.31 8.16 -2.42
CA GLY B 454 25.46 8.48 -1.55
C GLY B 454 26.13 9.84 -1.69
N SER B 455 26.03 10.43 -2.87
CA SER B 455 26.46 11.80 -3.05
C SER B 455 25.72 12.68 -2.08
N GLU B 456 26.19 13.93 -1.94
CA GLU B 456 25.49 14.87 -1.08
C GLU B 456 24.06 15.09 -1.56
N PHE B 457 23.85 15.09 -2.88
CA PHE B 457 22.51 15.13 -3.49
C PHE B 457 21.67 13.94 -3.06
N GLY B 458 22.24 12.73 -3.16
CA GLY B 458 21.54 11.54 -2.68
C GLY B 458 21.21 11.62 -1.21
N GLY B 459 22.13 12.14 -0.40
CA GLY B 459 21.89 12.28 1.04
C GLY B 459 20.82 13.30 1.36
N ARG B 460 20.82 14.41 0.63
CA ARG B 460 19.75 15.39 0.73
C ARG B 460 18.41 14.78 0.32
N HIS B 461 18.40 13.96 -0.72
CA HIS B 461 17.15 13.34 -1.15
C HIS B 461 16.63 12.36 -0.11
N GLU B 462 17.51 11.63 0.58
CA GLU B 462 17.06 10.75 1.65
C GLU B 462 16.42 11.57 2.77
N LEU B 463 17.10 12.66 3.17
CA LEU B 463 16.55 13.54 4.19
C LEU B 463 15.20 14.11 3.76
N TYR B 464 15.09 14.51 2.49
CA TYR B 464 13.84 15.04 1.95
C TYR B 464 12.74 13.98 1.98
N GLU B 465 13.01 12.77 1.49
CA GLU B 465 11.95 11.76 1.43
C GLU B 465 11.52 11.36 2.84
N ILE B 466 12.45 11.36 3.81
CA ILE B 466 12.11 10.95 5.16
C ILE B 466 11.31 11.99 5.89
N ASN B 467 11.60 13.30 5.68
CA ASN B 467 11.11 14.31 6.62
C ASN B 467 10.06 15.25 6.13
N TYR B 468 9.87 15.36 4.88
CA TYR B 468 8.96 16.38 4.46
C TYR B 468 7.58 15.71 4.51
N SER B 469 6.54 16.51 4.54
CA SER B 469 5.29 15.99 5.08
C SER B 469 5.33 16.06 6.61
N GLY B 470 6.51 15.95 7.23
CA GLY B 470 6.61 16.22 8.65
C GLY B 470 7.36 15.15 9.40
N SER B 471 7.36 15.28 10.72
CA SER B 471 8.01 14.32 11.59
C SER B 471 7.24 13.00 11.58
N GLN B 472 7.92 11.92 12.01
CA GLN B 472 7.33 10.58 11.96
C GLN B 472 6.10 10.50 12.87
N ASP B 473 6.19 11.12 14.05
CA ASP B 473 5.04 11.19 14.94
C ASP B 473 3.91 11.93 14.27
N GLU B 474 4.21 13.07 13.65
CA GLU B 474 3.14 13.91 13.15
C GLU B 474 2.41 13.29 11.98
N ILE B 475 3.13 12.66 11.05
CA ILE B 475 2.43 12.03 9.94
C ILE B 475 1.55 10.88 10.45
N ARG B 476 2.00 10.18 11.48
CA ARG B 476 1.17 9.14 12.08
C ARG B 476 -0.06 9.69 12.79
N LEU B 477 0.12 10.80 13.54
CA LEU B 477 -1.01 11.46 14.17
C LEU B 477 -2.02 11.95 13.13
N GLN B 478 -1.54 12.54 12.03
CA GLN B 478 -2.45 12.97 10.99
C GLN B 478 -3.20 11.77 10.39
N CYS B 479 -2.54 10.62 10.29
CA CYS B 479 -3.23 9.44 9.80
C CYS B 479 -4.35 8.99 10.73
N LEU B 480 -4.06 8.98 12.03
CA LEU B 480 -5.08 8.63 13.03
C LEU B 480 -6.24 9.63 12.99
N ARG B 481 -5.92 10.91 12.87
CA ARG B 481 -6.97 11.92 12.89
C ARG B 481 -7.87 11.82 11.67
N GLN B 482 -7.30 11.53 10.50
CA GLN B 482 -8.15 11.28 9.37
C GLN B 482 -9.09 10.11 9.62
N ALA B 483 -8.57 9.02 10.18
CA ALA B 483 -9.45 7.89 10.46
C ALA B 483 -10.57 8.30 11.43
N GLN B 484 -10.26 9.12 12.43
CA GLN B 484 -11.27 9.52 13.42
C GLN B 484 -12.26 10.52 12.82
N ASN B 485 -11.75 11.52 12.10
CA ASN B 485 -12.60 12.60 11.61
C ASN B 485 -13.53 12.14 10.50
N SER B 486 -13.12 11.16 9.70
CA SER B 486 -13.91 10.62 8.61
C SER B 486 -15.02 9.71 9.09
N GLY B 487 -15.01 9.32 10.35
CA GLY B 487 -15.89 8.27 10.84
C GLY B 487 -15.41 6.85 10.63
N ASN B 488 -14.26 6.64 9.95
CA ASN B 488 -13.72 5.29 9.79
C ASN B 488 -13.45 4.61 11.14
N MET B 489 -12.85 5.34 12.07
CA MET B 489 -12.54 4.73 13.36
C MET B 489 -13.80 4.32 14.09
N ASP B 490 -14.82 5.16 14.06
CA ASP B 490 -16.07 4.78 14.69
C ASP B 490 -16.72 3.57 14.02
N LYS B 491 -16.57 3.40 12.69
CA LYS B 491 -17.07 2.17 12.07
C LYS B 491 -16.27 0.94 12.54
N MET B 492 -14.93 1.06 12.59
CA MET B 492 -14.13 -0.06 13.12
C MET B 492 -14.56 -0.39 14.55
N MET B 493 -14.75 0.66 15.36
CA MET B 493 -15.15 0.45 16.75
C MET B 493 -16.55 -0.19 16.83
N ALA B 494 -17.44 0.16 15.89
CA ALA B 494 -18.75 -0.49 15.88
C ALA B 494 -18.60 -1.99 15.78
N MET B 495 -17.66 -2.44 14.94
CA MET B 495 -17.41 -3.87 14.83
C MET B 495 -16.90 -4.48 16.14
N VAL B 496 -15.96 -3.81 16.80
CA VAL B 496 -15.47 -4.34 18.08
C VAL B 496 -16.62 -4.42 19.11
N ASP B 497 -17.40 -3.35 19.20
CA ASP B 497 -18.51 -3.28 20.15
C ASP B 497 -19.54 -4.39 19.89
N ARG B 498 -19.80 -4.70 18.62
CA ARG B 498 -20.66 -5.85 18.31
C ARG B 498 -20.06 -7.16 18.84
N CYS B 499 -18.78 -7.39 18.54
CA CYS B 499 -18.13 -8.58 19.08
C CYS B 499 -18.32 -8.67 20.60
N LEU B 500 -18.05 -7.57 21.30
CA LEU B 500 -18.19 -7.56 22.75
C LEU B 500 -19.65 -7.80 23.17
N SER B 501 -20.61 -7.37 22.34
CA SER B 501 -22.03 -7.50 22.64
C SER B 501 -22.48 -8.94 22.73
N GLU B 502 -21.74 -9.84 22.07
CA GLU B 502 -22.20 -11.21 21.89
C GLU B 502 -21.85 -12.16 23.03
N TYR B 503 -21.31 -11.66 24.14
CA TYR B 503 -21.01 -12.52 25.28
C TYR B 503 -20.87 -11.65 26.51
N ASP B 504 -20.83 -12.30 27.68
CA ASP B 504 -20.60 -11.60 28.94
C ASP B 504 -20.04 -12.58 29.96
N GLN B 505 -19.93 -12.14 31.21
CA GLN B 505 -19.28 -12.99 32.20
C GLN B 505 -20.05 -14.27 32.50
N ASP B 506 -21.29 -14.40 32.00
CA ASP B 506 -22.06 -15.63 32.18
C ASP B 506 -22.07 -16.54 30.97
N GLY B 507 -21.70 -16.04 29.80
CA GLY B 507 -21.59 -16.87 28.60
C GLY B 507 -22.00 -16.04 27.39
N TRP B 508 -22.37 -16.76 26.33
CA TRP B 508 -22.86 -16.14 25.11
C TRP B 508 -24.16 -15.40 25.36
N THR B 509 -24.37 -14.34 24.60
CA THR B 509 -25.66 -13.66 24.58
C THR B 509 -26.36 -13.86 23.24
N VAL B 510 -25.83 -14.73 22.40
CA VAL B 510 -26.43 -14.99 21.10
C VAL B 510 -26.77 -16.48 21.05
N PRO B 511 -27.84 -16.86 20.35
CA PRO B 511 -28.32 -18.25 20.42
C PRO B 511 -27.56 -19.24 19.56
N HIS B 512 -26.83 -18.81 18.51
CA HIS B 512 -26.28 -19.79 17.58
C HIS B 512 -25.07 -20.53 18.14
N LEU B 513 -24.51 -20.10 19.28
CA LEU B 513 -23.32 -20.72 19.84
C LEU B 513 -23.65 -21.54 21.09
N HIS B 514 -22.81 -22.56 21.31
CA HIS B 514 -22.95 -23.53 22.38
C HIS B 514 -22.34 -23.02 23.68
N ASN B 515 -23.17 -22.92 24.72
CA ASN B 515 -22.71 -22.83 26.11
C ASN B 515 -21.67 -23.91 26.41
N ASN B 516 -20.62 -23.54 27.15
CA ASN B 516 -19.58 -24.51 27.51
C ASN B 516 -19.84 -25.22 28.84
N ASP B 517 -20.96 -24.90 29.50
CA ASP B 517 -21.29 -25.55 30.75
C ASP B 517 -21.22 -27.06 30.64
N ASP B 518 -21.53 -27.61 29.48
CA ASP B 518 -21.48 -29.07 29.34
C ASP B 518 -20.08 -29.64 29.20
N ILE B 519 -19.06 -28.83 28.97
CA ILE B 519 -17.72 -29.40 28.78
C ILE B 519 -16.68 -28.77 29.72
N ASN B 520 -17.10 -27.76 30.46
CA ASN B 520 -16.18 -27.06 31.34
C ASN B 520 -15.80 -27.96 32.51
N MET B 521 -14.50 -28.17 32.68
CA MET B 521 -13.98 -29.10 33.66
C MET B 521 -13.40 -28.44 34.89
N LEU B 522 -13.66 -27.16 35.10
CA LEU B 522 -12.97 -26.46 36.17
C LEU B 522 -13.47 -26.91 37.54
N ASP B 523 -14.77 -27.15 37.68
CA ASP B 523 -15.32 -27.64 38.93
C ASP B 523 -14.66 -28.95 39.34
N LYS B 524 -14.62 -29.92 38.44
CA LYS B 524 -13.90 -31.15 38.73
C LYS B 524 -12.44 -30.91 39.12
N LEU B 525 -11.73 -30.04 38.40
CA LEU B 525 -10.31 -29.91 38.68
C LEU B 525 -10.04 -29.29 40.04
N LEU B 526 -10.98 -28.53 40.55
CA LEU B 526 -10.70 -27.68 41.68
C LEU B 526 -11.50 -28.10 42.89
#